data_3PR2
#
_entry.id   3PR2
#
_cell.length_a   184.170
_cell.length_b   60.620
_cell.length_c   67.380
_cell.angle_alpha   90.00
_cell.angle_beta   94.62
_cell.angle_gamma   90.00
#
_symmetry.space_group_name_H-M   'C 1 2 1'
#
loop_
_entity.id
_entity.type
_entity.pdbx_description
1 polymer 'Tryptophan synthase alpha chain'
2 polymer 'Tryptophan synthase beta chain'
3 non-polymer '2-({[4-(TRIFLUOROMETHOXY)PHENYL]SULFONYL}AMINO)ETHYL DIHYDROGEN PHOSPHATE'
4 non-polymer (Z)-N-[(1E)-1-carboxy-2-(2,3-dihydro-1H-indol-1-yl)ethylidene]{3-hydroxy-2-methyl-5-[(phosphonooxy)methyl]pyridin-4(1H)-ylidene}methanaminium
5 non-polymer 'CESIUM ION'
6 water water
#
loop_
_entity_poly.entity_id
_entity_poly.type
_entity_poly.pdbx_seq_one_letter_code
_entity_poly.pdbx_strand_id
1 'polypeptide(L)'
;ERYENLFAQLNDRREGAFVPFVTLGDPGIEQSLKIIDTLIDAGADALELGVPFSDPLADGPTIQNANLRAFAAGVTPAQC
FEMLALIREKHPTIPIGLLMYANLVFNNGIDAFYARCEQVGVDSVLVADVPVEESAPFRQAALRHNIAPIFICPPNADDD
LLRQVASYGRGYTYLLSRSGVTGAENRGALPLHHLIEKLKEYHAAPALQGFGISSPEQVSAAVRAGAAGAISGSAIVKII
EKNLASPKQMLAELRSFVSAMKAASR
;
A
2 'polypeptide(L)'
;TLLNPYFGEFGGMYVPQILMPALNQLEEAFVSAQKDPEFQAQFADLLKNYAGRPTALTKCQNITAGTRTTLYLKREDLLH
GGAHKTNQVLGQALLAKRMGKSEIIAETGAGQHGVASALASALLGLKCRIYMGAKDVERQSPNVFRMRLMGAEVIPVHSG
SATLKDACNEALRDWSGSYETAHYMLGTAAGPHPYPTIVREFQRMIGEETKAQILDKEGRLPDAVIACVGGGSNAIGMFA
DFINDTSVGLIGVEPGGHGIETGEHGAPLKHGRVGIYFGMKAPMMQTADGQIEESYSISAGLDFPSVGPQHAYLNSIGRA
DYVSITDDEALEAFKTLCRHEGIIPALESSHALAHALKMMREQPEKEQLLVVNLSGRGDKDIFTVHDILKA
;
B
#
# COMPACT_ATOMS: atom_id res chain seq x y z
N GLU A 1 -20.81 -15.41 21.18
CA GLU A 1 -21.18 -16.59 22.04
C GLU A 1 -20.28 -16.67 23.27
N ARG A 2 -19.00 -16.94 23.05
CA ARG A 2 -17.99 -16.81 24.11
C ARG A 2 -17.84 -15.35 24.52
N TYR A 3 -17.95 -14.43 23.56
CA TYR A 3 -17.95 -12.99 23.84
C TYR A 3 -19.20 -12.58 24.63
N GLU A 4 -20.36 -13.12 24.21
CA GLU A 4 -21.63 -12.83 24.85
C GLU A 4 -21.61 -13.23 26.31
N ASN A 5 -21.16 -14.45 26.57
CA ASN A 5 -21.01 -14.98 27.93
C ASN A 5 -19.98 -14.19 28.73
N LEU A 6 -18.89 -13.76 28.08
CA LEU A 6 -17.88 -12.96 28.75
C LEU A 6 -18.44 -11.62 29.22
N PHE A 7 -19.06 -10.89 28.31
CA PHE A 7 -19.62 -9.58 28.65
C PHE A 7 -20.77 -9.67 29.66
N ALA A 8 -21.59 -10.71 29.53
CA ALA A 8 -22.64 -11.02 30.51
C ALA A 8 -22.08 -11.19 31.92
N GLN A 9 -21.05 -12.04 32.05
CA GLN A 9 -20.41 -12.31 33.34
C GLN A 9 -19.70 -11.08 33.88
N LEU A 10 -19.05 -10.31 33.01
CA LEU A 10 -18.34 -9.10 33.41
C LEU A 10 -19.29 -8.02 33.88
N ASN A 11 -20.47 -7.98 33.26
CA ASN A 11 -21.53 -7.07 33.65
C ASN A 11 -22.03 -7.38 35.06
N ASP A 12 -22.17 -8.67 35.37
CA ASP A 12 -22.61 -9.13 36.68
C ASP A 12 -21.58 -8.85 37.76
N ARG A 13 -20.31 -8.90 37.41
CA ARG A 13 -19.25 -8.57 38.36
C ARG A 13 -18.89 -7.09 38.26
N ARG A 14 -19.62 -6.37 37.41
CA ARG A 14 -19.51 -4.92 37.25
C ARG A 14 -18.09 -4.42 36.97
N GLU A 15 -17.42 -5.06 36.01
CA GLU A 15 -16.04 -4.71 35.66
C GLU A 15 -15.86 -4.73 34.14
N GLY A 16 -14.75 -4.16 33.67
CA GLY A 16 -14.41 -4.16 32.26
C GLY A 16 -13.48 -5.29 31.89
N ALA A 17 -13.36 -5.58 30.59
CA ALA A 17 -12.47 -6.62 30.11
C ALA A 17 -11.06 -6.09 29.89
N PHE A 18 -10.06 -6.90 30.22
CA PHE A 18 -8.72 -6.61 29.75
C PHE A 18 -8.29 -7.63 28.71
N VAL A 19 -8.06 -7.15 27.49
CA VAL A 19 -7.73 -7.99 26.36
C VAL A 19 -6.33 -7.68 25.82
N PRO A 20 -5.35 -8.50 26.18
CA PRO A 20 -3.99 -8.30 25.66
C PRO A 20 -3.86 -8.75 24.21
N PHE A 21 -2.88 -8.21 23.50
CA PHE A 21 -2.53 -8.67 22.17
C PHE A 21 -1.10 -9.17 22.15
N VAL A 22 -0.88 -10.30 21.49
CA VAL A 22 0.46 -10.77 21.15
C VAL A 22 0.48 -11.32 19.72
N THR A 23 1.66 -11.42 19.16
CA THR A 23 1.86 -12.05 17.86
C THR A 23 2.07 -13.54 18.08
N LEU A 24 1.28 -14.36 17.39
CA LEU A 24 1.45 -15.80 17.46
C LEU A 24 2.82 -16.23 16.96
N GLY A 25 3.57 -16.91 17.83
CA GLY A 25 4.87 -17.46 17.49
C GLY A 25 6.04 -16.53 17.80
N ASP A 26 5.76 -15.47 18.55
CA ASP A 26 6.79 -14.52 18.96
C ASP A 26 7.15 -14.77 20.42
N PRO A 27 8.43 -15.10 20.72
CA PRO A 27 9.60 -15.23 19.84
C PRO A 27 9.78 -16.62 19.20
N GLY A 28 8.95 -17.58 19.61
CA GLY A 28 8.94 -18.92 19.05
C GLY A 28 7.61 -19.54 19.39
N ILE A 29 7.28 -20.67 18.74
CA ILE A 29 6.00 -21.33 18.97
C ILE A 29 5.80 -21.70 20.44
N GLU A 30 6.80 -22.31 21.04
CA GLU A 30 6.70 -22.79 22.42
C GLU A 30 6.67 -21.69 23.46
N GLN A 31 7.51 -20.67 23.32
CA GLN A 31 7.54 -19.55 24.27
C GLN A 31 6.26 -18.72 24.17
N SER A 32 5.77 -18.54 22.95
CA SER A 32 4.50 -17.86 22.68
C SER A 32 3.34 -18.54 23.40
N LEU A 33 3.27 -19.87 23.30
CA LEU A 33 2.22 -20.65 23.97
C LEU A 33 2.29 -20.52 25.49
N LYS A 34 3.51 -20.41 26.02
CA LYS A 34 3.74 -20.17 27.45
C LYS A 34 3.38 -18.75 27.83
N ILE A 35 3.70 -17.79 26.95
CA ILE A 35 3.35 -16.38 27.15
C ILE A 35 1.83 -16.21 27.25
N ILE A 36 1.12 -16.85 26.31
CA ILE A 36 -0.34 -16.78 26.27
C ILE A 36 -0.97 -17.43 27.53
N ASP A 37 -0.38 -18.54 27.99
CA ASP A 37 -0.85 -19.22 29.21
C ASP A 37 -0.69 -18.32 30.43
N THR A 38 0.44 -17.62 30.50
CA THR A 38 0.71 -16.63 31.55
C THR A 38 -0.27 -15.46 31.49
N LEU A 39 -0.65 -15.05 30.28
CA LEU A 39 -1.60 -13.96 30.07
C LEU A 39 -2.99 -14.29 30.61
N ILE A 40 -3.46 -15.51 30.34
CA ILE A 40 -4.78 -15.95 30.77
C ILE A 40 -4.82 -16.14 32.28
N ASP A 41 -3.74 -16.71 32.80
CA ASP A 41 -3.59 -16.96 34.23
C ASP A 41 -3.51 -15.66 35.01
N ALA A 42 -2.83 -14.67 34.45
CA ALA A 42 -2.66 -13.37 35.11
C ALA A 42 -3.93 -12.51 35.07
N GLY A 43 -4.92 -12.92 34.30
CA GLY A 43 -6.22 -12.24 34.31
C GLY A 43 -6.81 -11.75 32.99
N ALA A 44 -6.29 -12.23 31.87
CA ALA A 44 -6.84 -11.87 30.56
C ALA A 44 -8.26 -12.39 30.42
N ASP A 45 -9.18 -11.51 30.07
CA ASP A 45 -10.59 -11.85 29.89
C ASP A 45 -10.86 -12.42 28.51
N ALA A 46 -10.13 -11.92 27.52
CA ALA A 46 -10.16 -12.44 26.16
C ALA A 46 -8.77 -12.28 25.56
N LEU A 47 -8.60 -12.75 24.32
CA LEU A 47 -7.32 -12.62 23.65
C LEU A 47 -7.50 -12.03 22.26
N GLU A 48 -6.54 -11.20 21.87
CA GLU A 48 -6.43 -10.70 20.50
C GLU A 48 -5.09 -11.18 19.97
N LEU A 49 -5.09 -11.89 18.85
CA LEU A 49 -3.89 -12.59 18.42
C LEU A 49 -3.55 -12.31 16.95
N GLY A 50 -2.31 -11.90 16.70
CA GLY A 50 -1.88 -11.56 15.34
C GLY A 50 -1.17 -12.72 14.66
N VAL A 51 -1.55 -12.97 13.42
CA VAL A 51 -0.84 -13.92 12.57
C VAL A 51 0.24 -13.13 11.82
N PRO A 52 1.52 -13.54 11.95
CA PRO A 52 2.64 -12.83 11.34
C PRO A 52 2.39 -12.55 9.88
N PHE A 53 2.47 -11.28 9.51
CA PHE A 53 2.29 -10.83 8.13
C PHE A 53 3.51 -10.05 7.69
N SER A 54 3.86 -10.21 6.41
CA SER A 54 5.04 -9.58 5.86
C SER A 54 4.94 -8.06 5.91
N ASP A 55 3.75 -7.52 5.71
CA ASP A 55 3.61 -6.07 5.61
C ASP A 55 2.46 -5.51 6.46
N PRO A 56 2.67 -5.43 7.79
CA PRO A 56 1.62 -5.00 8.73
C PRO A 56 1.43 -3.49 8.75
N LEU A 57 0.66 -3.00 7.78
CA LEU A 57 0.52 -1.57 7.54
C LEU A 57 -0.12 -0.75 8.67
N ALA A 58 -0.73 -1.42 9.65
CA ALA A 58 -1.39 -0.71 10.76
C ALA A 58 -0.59 -0.78 12.06
N ASP A 59 0.62 -1.31 11.96
CA ASP A 59 1.44 -1.55 13.13
C ASP A 59 2.72 -0.72 13.13
N GLY A 60 3.06 -0.19 14.30
CA GLY A 60 4.35 0.48 14.51
C GLY A 60 5.47 -0.53 14.75
N PRO A 61 6.69 -0.02 15.02
CA PRO A 61 7.93 -0.81 15.11
C PRO A 61 7.90 -2.00 16.08
N THR A 62 7.24 -1.83 17.23
CA THR A 62 7.22 -2.89 18.27
C THR A 62 6.61 -4.18 17.72
N ILE A 63 5.38 -4.07 17.22
CA ILE A 63 4.65 -5.19 16.67
C ILE A 63 5.25 -5.63 15.31
N GLN A 64 5.77 -4.66 14.54
CA GLN A 64 6.57 -5.00 13.34
C GLN A 64 7.69 -5.98 13.68
N ASN A 65 8.45 -5.65 14.73
CA ASN A 65 9.53 -6.52 15.19
C ASN A 65 9.04 -7.84 15.78
N ALA A 66 7.84 -7.82 16.35
CA ALA A 66 7.20 -9.05 16.82
C ALA A 66 6.96 -9.98 15.65
N ASN A 67 6.42 -9.43 14.56
CA ASN A 67 6.24 -10.17 13.32
C ASN A 67 7.57 -10.74 12.80
N LEU A 68 8.62 -9.91 12.83
CA LEU A 68 9.95 -10.33 12.37
C LEU A 68 10.53 -11.51 13.17
N ARG A 69 10.45 -11.43 14.48
CA ARG A 69 10.89 -12.53 15.36
C ARG A 69 10.19 -13.85 15.04
N ALA A 70 8.86 -13.78 14.92
CA ALA A 70 8.07 -14.94 14.53
C ALA A 70 8.54 -15.50 13.18
N PHE A 71 8.84 -14.61 12.24
CA PHE A 71 9.34 -15.01 10.93
C PHE A 71 10.74 -15.63 11.01
N ALA A 72 11.57 -15.13 11.91
CA ALA A 72 12.88 -15.73 12.20
C ALA A 72 12.74 -17.15 12.77
N ALA A 73 11.74 -17.35 13.64
CA ALA A 73 11.39 -18.66 14.16
C ALA A 73 10.64 -19.50 13.12
N GLY A 74 10.46 -18.95 11.93
CA GLY A 74 9.86 -19.66 10.81
C GLY A 74 8.36 -19.91 10.94
N VAL A 75 7.68 -19.04 11.68
CA VAL A 75 6.24 -19.20 11.95
C VAL A 75 5.37 -18.88 10.73
N THR A 76 4.58 -19.87 10.32
CA THR A 76 3.67 -19.75 9.19
C THR A 76 2.24 -19.63 9.69
N PRO A 77 1.29 -19.16 8.83
CA PRO A 77 -0.13 -19.22 9.17
C PRO A 77 -0.64 -20.62 9.53
N ALA A 78 -0.08 -21.67 8.93
CA ALA A 78 -0.50 -23.05 9.22
C ALA A 78 -0.15 -23.43 10.65
N GLN A 79 1.05 -23.03 11.08
CA GLN A 79 1.49 -23.24 12.45
C GLN A 79 0.67 -22.41 13.45
N CYS A 80 0.27 -21.21 13.02
CA CYS A 80 -0.60 -20.36 13.83
C CYS A 80 -1.94 -21.03 14.14
N PHE A 81 -2.54 -21.66 13.14
CA PHE A 81 -3.79 -22.39 13.34
C PHE A 81 -3.61 -23.61 14.25
N GLU A 82 -2.45 -24.25 14.16
CA GLU A 82 -2.09 -25.35 15.07
C GLU A 82 -1.97 -24.87 16.51
N MET A 83 -1.36 -23.70 16.70
CA MET A 83 -1.26 -23.08 18.02
C MET A 83 -2.64 -22.76 18.57
N LEU A 84 -3.49 -22.19 17.72
CA LEU A 84 -4.83 -21.79 18.12
C LEU A 84 -5.65 -22.98 18.62
N ALA A 85 -5.50 -24.11 17.93
CA ALA A 85 -6.12 -25.36 18.33
C ALA A 85 -5.67 -25.77 19.73
N LEU A 86 -4.36 -25.66 20.00
CA LEU A 86 -3.81 -25.98 21.31
C LEU A 86 -4.29 -25.03 22.40
N ILE A 87 -4.37 -23.74 22.09
CA ILE A 87 -4.87 -22.73 23.03
C ILE A 87 -6.35 -22.97 23.41
N ARG A 88 -7.19 -23.20 22.41
CA ARG A 88 -8.60 -23.56 22.60
C ARG A 88 -8.77 -24.88 23.39
N GLU A 89 -7.87 -25.83 23.16
CA GLU A 89 -7.92 -27.14 23.80
C GLU A 89 -7.62 -27.03 25.30
N LYS A 90 -6.86 -26.01 25.69
CA LYS A 90 -6.50 -25.78 27.08
C LYS A 90 -7.48 -24.84 27.76
N HIS A 91 -8.10 -23.97 26.96
CA HIS A 91 -8.96 -22.91 27.48
C HIS A 91 -10.25 -22.88 26.67
N PRO A 92 -11.25 -23.67 27.10
CA PRO A 92 -12.49 -23.80 26.32
C PRO A 92 -13.40 -22.56 26.24
N THR A 93 -13.31 -21.64 27.20
CA THR A 93 -14.29 -20.53 27.28
C THR A 93 -13.78 -19.14 26.94
N ILE A 94 -12.47 -18.95 26.95
CA ILE A 94 -11.91 -17.62 26.74
C ILE A 94 -12.14 -17.17 25.30
N PRO A 95 -12.71 -15.96 25.10
CA PRO A 95 -12.85 -15.49 23.73
C PRO A 95 -11.49 -15.30 23.04
N ILE A 96 -11.43 -15.75 21.78
CA ILE A 96 -10.21 -15.65 20.98
C ILE A 96 -10.50 -14.86 19.70
N GLY A 97 -9.84 -13.73 19.54
CA GLY A 97 -9.94 -12.91 18.33
C GLY A 97 -8.63 -12.86 17.58
N LEU A 98 -8.71 -12.88 16.25
CA LEU A 98 -7.51 -12.78 15.42
C LEU A 98 -7.43 -11.41 14.79
N LEU A 99 -6.23 -10.85 14.76
CA LEU A 99 -5.97 -9.63 14.00
C LEU A 99 -5.37 -10.06 12.67
N MET A 100 -6.12 -9.87 11.60
CA MET A 100 -5.67 -10.31 10.28
C MET A 100 -5.45 -9.13 9.33
N TYR A 101 -4.55 -9.31 8.37
CA TYR A 101 -4.49 -8.45 7.22
C TYR A 101 -5.13 -9.20 6.08
N ALA A 102 -5.72 -8.45 5.16
CA ALA A 102 -6.64 -8.98 4.15
C ALA A 102 -6.04 -10.07 3.27
N ASN A 103 -4.77 -9.93 2.92
CA ASN A 103 -4.18 -10.92 2.03
C ASN A 103 -4.10 -12.32 2.62
N LEU A 104 -3.91 -12.42 3.93
CA LEU A 104 -3.86 -13.72 4.58
C LEU A 104 -5.22 -14.40 4.63
N VAL A 105 -6.28 -13.59 4.59
CA VAL A 105 -7.66 -14.09 4.58
C VAL A 105 -8.08 -14.47 3.16
N PHE A 106 -7.69 -13.63 2.21
CA PHE A 106 -8.08 -13.79 0.80
C PHE A 106 -7.28 -14.90 0.10
N ASN A 107 -6.08 -15.17 0.59
CA ASN A 107 -5.10 -16.07 -0.07
C ASN A 107 -5.61 -17.42 -0.57
N ASN A 108 -6.21 -18.19 0.30
CA ASN A 108 -6.73 -19.52 -0.06
C ASN A 108 -8.25 -19.53 -0.15
N GLY A 109 -8.84 -18.34 -0.30
CA GLY A 109 -10.29 -18.22 -0.36
C GLY A 109 -10.84 -17.72 0.95
N ILE A 110 -11.63 -16.64 0.89
CA ILE A 110 -12.18 -16.00 2.10
C ILE A 110 -13.05 -16.98 2.90
N ASP A 111 -13.90 -17.74 2.21
CA ASP A 111 -14.76 -18.70 2.89
C ASP A 111 -13.94 -19.77 3.61
N ALA A 112 -12.96 -20.34 2.92
CA ALA A 112 -12.11 -21.38 3.49
C ALA A 112 -11.38 -20.88 4.73
N PHE A 113 -10.98 -19.62 4.72
CA PHE A 113 -10.26 -19.05 5.88
C PHE A 113 -11.12 -19.04 7.14
N TYR A 114 -12.37 -18.60 7.01
CA TYR A 114 -13.26 -18.52 8.16
C TYR A 114 -13.75 -19.92 8.59
N ALA A 115 -13.83 -20.83 7.63
CA ALA A 115 -14.20 -22.21 7.90
C ALA A 115 -13.13 -22.83 8.78
N ARG A 116 -11.88 -22.47 8.49
CA ARG A 116 -10.74 -22.95 9.26
C ARG A 116 -10.71 -22.33 10.66
N CYS A 117 -11.08 -21.05 10.76
CA CYS A 117 -11.19 -20.37 12.05
C CYS A 117 -12.22 -21.05 12.96
N GLU A 118 -13.37 -21.38 12.39
CA GLU A 118 -14.43 -22.08 13.09
C GLU A 118 -13.93 -23.44 13.57
N GLN A 119 -13.32 -24.18 12.66
CA GLN A 119 -12.75 -25.49 12.93
C GLN A 119 -11.80 -25.49 14.13
N VAL A 120 -10.93 -24.48 14.25
CA VAL A 120 -10.00 -24.41 15.39
C VAL A 120 -10.54 -23.73 16.64
N GLY A 121 -11.73 -23.13 16.56
CA GLY A 121 -12.35 -22.51 17.73
C GLY A 121 -12.10 -21.02 17.95
N VAL A 122 -11.86 -20.31 16.86
CA VAL A 122 -11.72 -18.85 16.90
C VAL A 122 -13.11 -18.21 17.02
N ASP A 123 -13.20 -17.11 17.76
CA ASP A 123 -14.49 -16.45 18.01
C ASP A 123 -14.75 -15.23 17.12
N SER A 124 -13.69 -14.50 16.80
CA SER A 124 -13.78 -13.31 15.99
C SER A 124 -12.57 -13.09 15.11
N VAL A 125 -12.77 -12.33 14.06
CA VAL A 125 -11.69 -11.95 13.16
C VAL A 125 -11.83 -10.46 12.86
N LEU A 126 -10.74 -9.73 13.02
CA LEU A 126 -10.66 -8.34 12.63
C LEU A 126 -9.66 -8.27 11.48
N VAL A 127 -10.14 -7.82 10.33
CA VAL A 127 -9.26 -7.59 9.19
C VAL A 127 -8.94 -6.10 9.10
N ALA A 128 -7.68 -5.76 9.41
CA ALA A 128 -7.26 -4.37 9.61
C ALA A 128 -7.39 -3.46 8.37
N ASP A 129 -7.17 -4.02 7.18
CA ASP A 129 -7.24 -3.22 5.96
C ASP A 129 -8.49 -3.47 5.15
N VAL A 130 -9.55 -3.91 5.83
CA VAL A 130 -10.86 -3.98 5.17
C VAL A 130 -11.83 -3.07 5.92
N PRO A 131 -12.14 -1.90 5.33
CA PRO A 131 -13.13 -0.99 5.92
C PRO A 131 -14.54 -1.48 5.59
N VAL A 132 -15.58 -0.90 6.20
CA VAL A 132 -16.94 -1.43 6.00
C VAL A 132 -17.30 -1.46 4.52
N GLU A 133 -16.69 -0.53 3.80
CA GLU A 133 -16.90 -0.33 2.39
C GLU A 133 -16.50 -1.57 1.54
N GLU A 134 -15.50 -2.31 1.99
CA GLU A 134 -15.06 -3.56 1.34
C GLU A 134 -15.42 -4.83 2.09
N SER A 135 -16.17 -4.70 3.17
CA SER A 135 -16.37 -5.79 4.14
C SER A 135 -17.32 -6.92 3.73
N ALA A 136 -18.18 -6.69 2.74
CA ALA A 136 -19.26 -7.63 2.43
C ALA A 136 -18.89 -9.12 2.34
N PRO A 137 -17.92 -9.51 1.48
CA PRO A 137 -17.63 -10.95 1.38
C PRO A 137 -17.01 -11.50 2.66
N PHE A 138 -16.30 -10.64 3.38
CA PHE A 138 -15.67 -11.01 4.65
C PHE A 138 -16.69 -11.23 5.77
N ARG A 139 -17.64 -10.30 5.92
CA ARG A 139 -18.62 -10.41 6.98
C ARG A 139 -19.66 -11.50 6.69
N GLN A 140 -19.95 -11.74 5.42
CA GLN A 140 -20.82 -12.85 5.03
C GLN A 140 -20.18 -14.20 5.32
N ALA A 141 -18.88 -14.32 5.05
CA ALA A 141 -18.15 -15.56 5.30
C ALA A 141 -18.01 -15.82 6.80
N ALA A 142 -17.76 -14.75 7.57
CA ALA A 142 -17.67 -14.82 9.03
C ALA A 142 -18.97 -15.39 9.63
N LEU A 143 -20.09 -14.77 9.28
CA LEU A 143 -21.38 -15.18 9.83
C LEU A 143 -21.75 -16.61 9.45
N ARG A 144 -21.43 -17.04 8.23
CA ARG A 144 -21.69 -18.41 7.78
C ARG A 144 -20.94 -19.46 8.61
N HIS A 145 -19.81 -19.06 9.17
CA HIS A 145 -19.01 -19.98 9.96
C HIS A 145 -19.00 -19.61 11.44
N ASN A 146 -20.04 -18.88 11.86
CA ASN A 146 -20.22 -18.46 13.25
C ASN A 146 -19.01 -17.73 13.81
N ILE A 147 -18.41 -16.88 12.98
CA ILE A 147 -17.31 -16.05 13.42
C ILE A 147 -17.83 -14.63 13.53
N ALA A 148 -17.49 -13.94 14.61
CA ALA A 148 -17.83 -12.55 14.75
C ALA A 148 -16.93 -11.69 13.85
N PRO A 149 -17.53 -10.92 12.93
CA PRO A 149 -16.67 -9.98 12.23
C PRO A 149 -16.49 -8.68 13.03
N ILE A 150 -15.24 -8.29 13.28
CA ILE A 150 -14.97 -7.09 14.08
C ILE A 150 -14.83 -5.85 13.21
N PHE A 151 -15.60 -4.82 13.55
CA PHE A 151 -15.55 -3.54 12.84
C PHE A 151 -14.97 -2.44 13.72
N ILE A 152 -14.32 -1.48 13.05
CA ILE A 152 -13.62 -0.40 13.74
C ILE A 152 -14.46 0.87 13.77
N CYS A 153 -14.60 1.42 14.97
CA CYS A 153 -15.16 2.75 15.15
C CYS A 153 -14.01 3.73 15.42
N PRO A 154 -13.63 4.51 14.40
CA PRO A 154 -12.55 5.50 14.56
C PRO A 154 -13.05 6.79 15.23
N PRO A 155 -12.13 7.63 15.75
CA PRO A 155 -12.53 8.92 16.33
C PRO A 155 -13.23 9.85 15.32
N ASN A 156 -12.82 9.78 14.06
CA ASN A 156 -13.42 10.59 13.01
C ASN A 156 -14.71 10.00 12.42
N ALA A 157 -15.36 9.10 13.17
CA ALA A 157 -16.59 8.43 12.70
C ALA A 157 -17.80 9.34 12.69
N ASP A 158 -18.56 9.30 11.61
CA ASP A 158 -19.82 10.01 11.53
C ASP A 158 -20.98 9.06 11.82
N ASP A 159 -22.20 9.59 11.77
CA ASP A 159 -23.39 8.84 12.18
C ASP A 159 -23.70 7.66 11.26
N ASP A 160 -23.44 7.84 9.97
CA ASP A 160 -23.67 6.79 8.99
C ASP A 160 -22.79 5.56 9.25
N LEU A 161 -21.54 5.81 9.65
CA LEU A 161 -20.59 4.76 9.97
C LEU A 161 -20.98 4.06 11.27
N LEU A 162 -21.38 4.84 12.26
CA LEU A 162 -21.82 4.33 13.55
C LEU A 162 -22.92 3.28 13.40
N ARG A 163 -23.89 3.55 12.53
CA ARG A 163 -25.00 2.65 12.31
C ARG A 163 -24.59 1.41 11.51
N GLN A 164 -23.61 1.57 10.63
CA GLN A 164 -23.11 0.45 9.83
C GLN A 164 -22.40 -0.57 10.71
N VAL A 165 -21.44 -0.08 11.46
CA VAL A 165 -20.67 -0.86 12.42
C VAL A 165 -21.58 -1.58 13.42
N ALA A 166 -22.63 -0.89 13.86
CA ALA A 166 -23.58 -1.44 14.83
C ALA A 166 -24.37 -2.62 14.28
N SER A 167 -24.76 -2.56 13.01
CA SER A 167 -25.53 -3.66 12.45
C SER A 167 -24.66 -4.79 11.93
N TYR A 168 -23.50 -4.46 11.36
CA TYR A 168 -22.64 -5.48 10.73
C TYR A 168 -21.80 -6.28 11.71
N GLY A 169 -21.36 -5.62 12.78
CA GLY A 169 -20.46 -6.24 13.75
C GLY A 169 -21.12 -7.24 14.67
N ARG A 170 -20.33 -8.17 15.18
CA ARG A 170 -20.74 -9.08 16.24
C ARG A 170 -19.61 -9.14 17.23
N GLY A 171 -19.88 -9.72 18.41
CA GLY A 171 -18.85 -9.96 19.41
C GLY A 171 -18.44 -8.74 20.20
N TYR A 172 -17.62 -7.89 19.58
CA TYR A 172 -17.28 -6.58 20.16
C TYR A 172 -17.08 -5.52 19.06
N THR A 173 -17.16 -4.26 19.43
CA THR A 173 -16.83 -3.15 18.55
C THR A 173 -15.46 -2.64 18.95
N TYR A 174 -14.56 -2.53 17.97
CA TYR A 174 -13.25 -1.97 18.23
C TYR A 174 -13.34 -0.45 18.24
N LEU A 175 -13.10 0.15 19.41
CA LEU A 175 -13.09 1.59 19.54
C LEU A 175 -11.65 2.07 19.50
N LEU A 176 -11.32 2.81 18.46
CA LEU A 176 -9.95 3.27 18.23
C LEU A 176 -9.65 4.48 19.12
N SER A 177 -8.50 4.44 19.81
CA SER A 177 -8.09 5.49 20.74
C SER A 177 -7.63 6.75 20.03
N ARG A 178 -7.09 6.56 18.83
CA ARG A 178 -6.44 7.63 18.07
C ARG A 178 -6.17 7.17 16.64
N SER A 179 -5.85 8.14 15.80
CA SER A 179 -5.31 7.84 14.48
C SER A 179 -3.90 7.27 14.62
N GLY A 180 -3.30 6.90 13.49
CA GLY A 180 -1.93 6.37 13.50
C GLY A 180 -1.88 4.86 13.52
N VAL A 181 -0.72 4.33 13.87
CA VAL A 181 -0.49 2.90 13.91
C VAL A 181 -0.29 2.46 15.35
N THR A 182 -0.29 1.14 15.59
CA THR A 182 -0.13 0.61 16.94
C THR A 182 1.19 1.09 17.55
N GLY A 183 1.17 1.40 18.84
CA GLY A 183 2.35 1.88 19.54
C GLY A 183 2.05 2.36 20.94
N ALA A 184 2.80 1.82 21.90
CA ALA A 184 2.61 2.15 23.32
C ALA A 184 3.03 3.59 23.62
N GLU A 185 4.10 4.03 22.93
CA GLU A 185 4.67 5.38 23.11
C GLU A 185 3.69 6.52 22.82
N ASN A 186 2.78 6.30 21.87
CA ASN A 186 1.79 7.29 21.50
C ASN A 186 0.43 6.99 22.15
N ARG A 187 0.02 7.83 23.10
CA ARG A 187 -1.27 7.65 23.80
C ARG A 187 -2.36 8.54 23.22
N GLY A 188 -3.55 7.98 23.07
CA GLY A 188 -4.71 8.76 22.61
C GLY A 188 -5.28 9.61 23.72
N ALA A 189 -5.40 10.91 23.48
CA ALA A 189 -5.85 11.87 24.49
C ALA A 189 -7.31 12.32 24.34
N LEU A 190 -7.80 12.35 23.10
CA LEU A 190 -9.18 12.80 22.80
C LEU A 190 -10.27 12.01 23.55
N PRO A 191 -11.26 12.73 24.11
CA PRO A 191 -12.44 12.13 24.76
C PRO A 191 -13.32 11.35 23.78
N LEU A 192 -13.71 10.13 24.17
CA LEU A 192 -14.45 9.23 23.28
C LEU A 192 -15.86 8.90 23.77
N HIS A 193 -16.32 9.62 24.79
CA HIS A 193 -17.63 9.41 25.42
C HIS A 193 -18.83 9.42 24.48
N HIS A 194 -18.83 10.33 23.52
CA HIS A 194 -19.98 10.53 22.64
C HIS A 194 -20.12 9.40 21.62
N LEU A 195 -19.00 8.78 21.27
CA LEU A 195 -19.00 7.62 20.37
C LEU A 195 -19.48 6.38 21.11
N ILE A 196 -19.02 6.22 22.35
CA ILE A 196 -19.42 5.10 23.21
C ILE A 196 -20.93 5.08 23.45
N GLU A 197 -21.49 6.25 23.66
CA GLU A 197 -22.92 6.39 23.93
C GLU A 197 -23.78 6.07 22.70
N LYS A 198 -23.32 6.47 21.52
CA LYS A 198 -24.08 6.26 20.28
C LYS A 198 -24.09 4.82 19.81
N LEU A 199 -22.98 4.11 20.03
CA LEU A 199 -22.91 2.67 19.74
C LEU A 199 -23.95 1.92 20.56
N LYS A 200 -24.06 2.30 21.83
CA LYS A 200 -25.06 1.73 22.74
C LYS A 200 -26.49 2.04 22.27
N GLU A 201 -26.69 3.25 21.74
CA GLU A 201 -27.97 3.66 21.19
C GLU A 201 -28.40 2.81 20.00
N TYR A 202 -27.48 2.54 19.07
CA TYR A 202 -27.76 1.70 17.90
C TYR A 202 -27.54 0.23 18.19
N HIS A 203 -27.28 -0.08 19.46
CA HIS A 203 -27.12 -1.45 19.96
C HIS A 203 -26.02 -2.21 19.24
N ALA A 204 -24.84 -1.59 19.20
CA ALA A 204 -23.64 -2.23 18.72
C ALA A 204 -23.16 -3.24 19.73
N ALA A 205 -22.36 -4.20 19.26
CA ALA A 205 -21.65 -5.10 20.15
C ALA A 205 -20.78 -4.27 21.10
N PRO A 206 -20.63 -4.71 22.36
CA PRO A 206 -19.90 -3.95 23.40
C PRO A 206 -18.52 -3.46 22.94
N ALA A 207 -18.12 -2.28 23.39
CA ALA A 207 -16.91 -1.64 22.87
C ALA A 207 -15.62 -1.96 23.63
N LEU A 208 -14.57 -2.29 22.89
CA LEU A 208 -13.24 -2.45 23.43
C LEU A 208 -12.31 -1.37 22.86
N GLN A 209 -11.62 -0.63 23.74
CA GLN A 209 -10.72 0.42 23.28
C GLN A 209 -9.30 -0.09 23.04
N GLY A 210 -8.71 0.28 21.91
CA GLY A 210 -7.35 -0.15 21.57
C GLY A 210 -6.52 0.89 20.86
N PHE A 211 -5.19 0.70 20.89
CA PHE A 211 -4.14 1.60 20.36
C PHE A 211 -3.61 2.51 21.47
N GLY A 212 -2.34 2.32 21.84
CA GLY A 212 -1.70 3.21 22.79
C GLY A 212 -1.96 2.99 24.27
N ILE A 213 -2.80 2.00 24.60
CA ILE A 213 -3.11 1.66 25.99
C ILE A 213 -1.93 0.89 26.60
N SER A 214 -1.17 1.54 27.46
CA SER A 214 0.04 0.92 28.01
C SER A 214 0.16 1.03 29.54
N SER A 215 -0.93 1.42 30.20
CA SER A 215 -0.90 1.69 31.64
C SER A 215 -2.28 1.45 32.26
N PRO A 216 -2.33 0.97 33.52
CA PRO A 216 -3.59 0.71 34.24
C PRO A 216 -4.54 1.90 34.29
N GLU A 217 -3.97 3.11 34.43
CA GLU A 217 -4.75 4.34 34.40
C GLU A 217 -5.56 4.51 33.10
N GLN A 218 -4.97 4.11 31.97
CA GLN A 218 -5.65 4.18 30.68
C GLN A 218 -6.81 3.19 30.58
N VAL A 219 -6.60 2.01 31.14
CA VAL A 219 -7.64 0.97 31.20
C VAL A 219 -8.83 1.49 32.01
N SER A 220 -8.51 1.98 33.21
CA SER A 220 -9.50 2.51 34.12
C SER A 220 -10.31 3.66 33.48
N ALA A 221 -9.61 4.55 32.78
CA ALA A 221 -10.24 5.67 32.06
C ALA A 221 -11.22 5.19 30.99
N ALA A 222 -10.80 4.18 30.22
CA ALA A 222 -11.63 3.60 29.17
C ALA A 222 -12.95 3.03 29.70
N VAL A 223 -12.87 2.28 30.80
CA VAL A 223 -14.05 1.65 31.41
C VAL A 223 -14.94 2.71 32.07
N ARG A 224 -14.32 3.67 32.75
CA ARG A 224 -15.08 4.76 33.37
C ARG A 224 -15.80 5.63 32.34
N ALA A 225 -15.25 5.71 31.13
CA ALA A 225 -15.90 6.41 30.01
C ALA A 225 -17.08 5.65 29.40
N GLY A 226 -17.24 4.38 29.78
CA GLY A 226 -18.38 3.58 29.33
C GLY A 226 -18.04 2.41 28.42
N ALA A 227 -16.78 2.32 27.99
CA ALA A 227 -16.35 1.21 27.15
C ALA A 227 -16.33 -0.09 27.97
N ALA A 228 -16.65 -1.20 27.30
CA ALA A 228 -16.74 -2.50 27.98
C ALA A 228 -15.38 -3.10 28.29
N GLY A 229 -14.32 -2.53 27.73
CA GLY A 229 -12.97 -3.01 28.01
C GLY A 229 -11.85 -2.29 27.29
N ALA A 230 -10.65 -2.84 27.41
CA ALA A 230 -9.47 -2.23 26.81
C ALA A 230 -8.52 -3.28 26.23
N ILE A 231 -7.83 -2.91 25.16
CA ILE A 231 -6.87 -3.77 24.50
C ILE A 231 -5.47 -3.17 24.57
N SER A 232 -4.49 -3.98 24.94
CA SER A 232 -3.12 -3.53 25.01
C SER A 232 -2.24 -4.48 24.20
N GLY A 233 -1.50 -3.92 23.25
CA GLY A 233 -0.60 -4.70 22.41
C GLY A 233 0.88 -4.44 22.64
N SER A 234 1.34 -3.29 22.17
CA SER A 234 2.77 -2.94 22.18
C SER A 234 3.42 -2.99 23.57
N ALA A 235 2.66 -2.61 24.61
CA ALA A 235 3.14 -2.67 25.99
C ALA A 235 3.52 -4.09 26.38
N ILE A 236 2.63 -5.03 26.07
CA ILE A 236 2.86 -6.46 26.29
C ILE A 236 4.09 -6.94 25.49
N VAL A 237 4.14 -6.56 24.21
CA VAL A 237 5.19 -7.02 23.28
C VAL A 237 6.57 -6.46 23.63
N LYS A 238 6.61 -5.26 24.21
CA LYS A 238 7.85 -4.65 24.68
C LYS A 238 8.52 -5.50 25.77
N ILE A 239 7.70 -6.12 26.61
CA ILE A 239 8.18 -7.02 27.68
C ILE A 239 8.79 -8.29 27.07
N ILE A 240 8.24 -8.74 25.94
CA ILE A 240 8.79 -9.87 25.22
C ILE A 240 10.18 -9.56 24.63
N GLU A 241 10.30 -8.41 23.97
CA GLU A 241 11.57 -8.04 23.32
C GLU A 241 12.68 -7.65 24.29
N LYS A 242 12.33 -7.00 25.40
CA LYS A 242 13.33 -6.56 26.38
C LYS A 242 13.82 -7.70 27.26
N ASN A 243 13.10 -8.82 27.22
CA ASN A 243 13.45 -9.98 28.03
C ASN A 243 13.73 -11.25 27.24
N LEU A 244 14.14 -11.10 25.97
CA LEU A 244 14.43 -12.24 25.10
C LEU A 244 15.53 -13.15 25.66
N ALA A 245 16.47 -12.55 26.39
CA ALA A 245 17.55 -13.28 27.04
C ALA A 245 17.06 -14.03 28.28
N SER A 246 15.92 -13.58 28.83
CA SER A 246 15.41 -14.12 30.08
C SER A 246 13.95 -14.60 29.98
N PRO A 247 13.74 -15.83 29.46
CA PRO A 247 12.40 -16.41 29.29
C PRO A 247 11.59 -16.50 30.58
N LYS A 248 12.25 -16.86 31.68
CA LYS A 248 11.57 -16.96 32.98
C LYS A 248 11.27 -15.58 33.56
N GLN A 249 12.22 -14.66 33.42
CA GLN A 249 12.05 -13.28 33.86
C GLN A 249 11.08 -12.51 32.95
N MET A 250 10.90 -13.02 31.72
CA MET A 250 9.91 -12.50 30.79
C MET A 250 8.48 -12.75 31.31
N LEU A 251 8.19 -14.00 31.68
CA LEU A 251 6.86 -14.42 32.12
C LEU A 251 6.44 -13.77 33.44
N ALA A 252 7.43 -13.52 34.30
CA ALA A 252 7.18 -12.87 35.59
C ALA A 252 6.83 -11.40 35.40
N GLU A 253 7.55 -10.75 34.50
CA GLU A 253 7.32 -9.35 34.17
C GLU A 253 6.01 -9.19 33.39
N LEU A 254 5.68 -10.18 32.55
CA LEU A 254 4.39 -10.24 31.87
C LEU A 254 3.24 -10.41 32.87
N ARG A 255 3.42 -11.33 33.82
CA ARG A 255 2.40 -11.61 34.83
C ARG A 255 2.07 -10.38 35.68
N SER A 256 3.11 -9.72 36.19
CA SER A 256 2.95 -8.50 36.99
C SER A 256 2.07 -7.50 36.24
N PHE A 257 2.48 -7.19 35.01
CA PHE A 257 1.81 -6.20 34.17
C PHE A 257 0.35 -6.52 33.89
N VAL A 258 0.06 -7.74 33.46
CA VAL A 258 -1.32 -8.13 33.12
C VAL A 258 -2.25 -8.05 34.33
N SER A 259 -1.72 -8.47 35.50
CA SER A 259 -2.44 -8.38 36.76
C SER A 259 -2.81 -6.93 37.08
N ALA A 260 -1.82 -6.05 36.96
CA ALA A 260 -1.99 -4.62 37.20
C ALA A 260 -2.99 -3.98 36.23
N MET A 261 -2.96 -4.40 34.97
CA MET A 261 -3.90 -3.91 33.97
C MET A 261 -5.33 -4.41 34.20
N LYS A 262 -5.46 -5.70 34.52
CA LYS A 262 -6.76 -6.30 34.80
C LYS A 262 -7.41 -5.71 36.06
N ALA A 263 -6.58 -5.44 37.07
CA ALA A 263 -7.03 -4.83 38.31
C ALA A 263 -7.73 -3.49 38.05
N ALA A 264 -7.12 -2.69 37.18
CA ALA A 264 -7.65 -1.38 36.77
C ALA A 264 -9.03 -1.45 36.08
N SER A 265 -9.33 -2.60 35.47
CA SER A 265 -10.62 -2.79 34.82
C SER A 265 -11.73 -3.12 35.84
N ARG A 266 -11.35 -3.34 37.09
CA ARG A 266 -12.32 -3.66 38.15
C ARG A 266 -12.82 -2.41 38.85
N THR B 1 -19.31 5.85 -2.81
CA THR B 1 -18.29 6.61 -3.60
C THR B 1 -18.96 7.27 -4.79
N LEU B 2 -18.37 8.37 -5.27
CA LEU B 2 -18.85 9.07 -6.45
C LEU B 2 -18.46 8.36 -7.73
N LEU B 3 -17.29 7.73 -7.73
CA LEU B 3 -16.79 7.06 -8.92
C LEU B 3 -16.62 5.58 -8.61
N ASN B 4 -16.58 4.76 -9.66
CA ASN B 4 -16.35 3.33 -9.50
C ASN B 4 -14.90 3.05 -9.08
N PRO B 5 -14.71 2.44 -7.90
CA PRO B 5 -13.38 2.11 -7.40
C PRO B 5 -12.73 0.88 -8.07
N TYR B 6 -13.49 0.16 -8.89
CA TYR B 6 -12.99 -1.08 -9.49
C TYR B 6 -12.88 -1.01 -10.99
N PHE B 7 -11.94 -1.80 -11.52
CA PHE B 7 -11.78 -2.06 -12.93
C PHE B 7 -11.92 -3.58 -13.01
N GLY B 8 -13.11 -4.04 -13.39
CA GLY B 8 -13.44 -5.45 -13.27
C GLY B 8 -13.31 -5.86 -11.82
N GLU B 9 -12.53 -6.90 -11.56
CA GLU B 9 -12.35 -7.40 -10.19
C GLU B 9 -11.30 -6.61 -9.42
N PHE B 10 -10.53 -5.77 -10.13
CA PHE B 10 -9.32 -5.19 -9.54
C PHE B 10 -9.54 -3.77 -9.03
N GLY B 11 -8.94 -3.42 -7.90
CA GLY B 11 -9.02 -2.05 -7.38
C GLY B 11 -9.53 -2.02 -5.97
N GLY B 12 -10.48 -1.11 -5.70
CA GLY B 12 -11.08 -1.02 -4.37
C GLY B 12 -10.38 -0.08 -3.42
N MET B 13 -10.79 -0.14 -2.15
CA MET B 13 -10.28 0.75 -1.11
C MET B 13 -9.93 -0.05 0.14
N TYR B 14 -8.87 -0.84 0.04
CA TYR B 14 -8.51 -1.73 1.12
C TYR B 14 -7.54 -1.07 2.10
N VAL B 15 -8.06 -0.06 2.80
CA VAL B 15 -7.31 0.68 3.79
C VAL B 15 -7.99 0.58 5.15
N PRO B 16 -7.23 0.81 6.24
CA PRO B 16 -7.87 0.93 7.54
C PRO B 16 -9.03 1.92 7.53
N GLN B 17 -10.00 1.66 8.40
CA GLN B 17 -11.22 2.44 8.46
C GLN B 17 -10.93 3.94 8.67
N ILE B 18 -9.92 4.22 9.49
CA ILE B 18 -9.51 5.60 9.81
C ILE B 18 -9.25 6.46 8.55
N LEU B 19 -8.78 5.83 7.47
CA LEU B 19 -8.35 6.56 6.27
C LEU B 19 -9.44 6.78 5.24
N MET B 20 -10.61 6.16 5.44
CA MET B 20 -11.72 6.32 4.49
C MET B 20 -12.21 7.76 4.31
N PRO B 21 -12.35 8.55 5.40
CA PRO B 21 -12.70 9.96 5.21
C PRO B 21 -11.71 10.73 4.32
N ALA B 22 -10.42 10.49 4.50
CA ALA B 22 -9.39 11.12 3.66
C ALA B 22 -9.55 10.73 2.20
N LEU B 23 -9.82 9.45 1.95
CA LEU B 23 -10.02 8.96 0.60
C LEU B 23 -11.29 9.54 -0.01
N ASN B 24 -12.35 9.62 0.79
CA ASN B 24 -13.61 10.22 0.36
C ASN B 24 -13.47 11.73 0.07
N GLN B 25 -12.71 12.42 0.92
CA GLN B 25 -12.44 13.85 0.74
C GLN B 25 -11.67 14.07 -0.56
N LEU B 26 -10.65 13.25 -0.79
CA LEU B 26 -9.85 13.35 -2.01
C LEU B 26 -10.70 13.12 -3.26
N GLU B 27 -11.54 12.08 -3.24
CA GLU B 27 -12.42 11.78 -4.37
C GLU B 27 -13.34 12.95 -4.69
N GLU B 28 -13.94 13.52 -3.65
CA GLU B 28 -14.87 14.63 -3.82
C GLU B 28 -14.17 15.88 -4.38
N ALA B 29 -12.98 16.17 -3.86
CA ALA B 29 -12.15 17.27 -4.32
C ALA B 29 -11.77 17.12 -5.80
N PHE B 30 -11.41 15.91 -6.20
CA PHE B 30 -11.07 15.61 -7.60
C PHE B 30 -12.23 15.79 -8.56
N VAL B 31 -13.38 15.23 -8.22
CA VAL B 31 -14.59 15.31 -9.05
C VAL B 31 -14.99 16.77 -9.25
N SER B 32 -14.90 17.53 -8.16
CA SER B 32 -15.19 18.96 -8.15
C SER B 32 -14.19 19.74 -9.01
N ALA B 33 -12.90 19.49 -8.81
CA ALA B 33 -11.84 20.13 -9.60
C ALA B 33 -11.93 19.83 -11.09
N GLN B 34 -12.34 18.62 -11.44
CA GLN B 34 -12.48 18.25 -12.85
C GLN B 34 -13.55 19.06 -13.57
N LYS B 35 -14.56 19.51 -12.82
CA LYS B 35 -15.62 20.35 -13.35
C LYS B 35 -15.33 21.84 -13.19
N ASP B 36 -14.18 22.18 -12.61
CA ASP B 36 -13.85 23.57 -12.30
C ASP B 36 -12.95 24.16 -13.38
N PRO B 37 -13.46 25.12 -14.17
CA PRO B 37 -12.68 25.68 -15.28
C PRO B 37 -11.44 26.42 -14.78
N GLU B 38 -11.53 26.99 -13.58
CA GLU B 38 -10.39 27.68 -12.99
C GLU B 38 -9.27 26.72 -12.58
N PHE B 39 -9.63 25.57 -12.00
CA PHE B 39 -8.66 24.53 -11.68
C PHE B 39 -7.95 24.08 -12.96
N GLN B 40 -8.75 23.78 -13.98
CA GLN B 40 -8.22 23.28 -15.24
C GLN B 40 -7.27 24.28 -15.89
N ALA B 41 -7.56 25.57 -15.73
CA ALA B 41 -6.74 26.63 -16.32
C ALA B 41 -5.41 26.77 -15.59
N GLN B 42 -5.48 26.71 -14.26
CA GLN B 42 -4.31 26.76 -13.40
C GLN B 42 -3.38 25.55 -13.63
N PHE B 43 -3.98 24.36 -13.70
CA PHE B 43 -3.27 23.13 -14.05
C PHE B 43 -2.62 23.24 -15.45
N ALA B 44 -3.40 23.65 -16.45
CA ALA B 44 -2.85 23.84 -17.81
C ALA B 44 -1.68 24.83 -17.84
N ASP B 45 -1.78 25.90 -17.06
CA ASP B 45 -0.74 26.92 -17.00
C ASP B 45 0.57 26.40 -16.39
N LEU B 46 0.47 25.64 -15.32
CA LEU B 46 1.66 25.04 -14.72
C LEU B 46 2.30 24.04 -15.69
N LEU B 47 1.48 23.20 -16.32
CA LEU B 47 2.01 22.22 -17.28
C LEU B 47 2.73 22.88 -18.44
N LYS B 48 2.11 23.88 -19.04
CA LYS B 48 2.71 24.57 -20.16
C LYS B 48 3.91 25.44 -19.77
N ASN B 49 3.70 26.34 -18.82
CA ASN B 49 4.63 27.44 -18.57
C ASN B 49 5.70 27.16 -17.54
N TYR B 50 5.45 26.13 -16.73
CA TYR B 50 6.38 25.74 -15.69
C TYR B 50 7.07 24.42 -16.02
N ALA B 51 6.27 23.42 -16.42
CA ALA B 51 6.83 22.07 -16.64
C ALA B 51 7.30 21.90 -18.09
N GLY B 52 6.80 22.75 -18.97
CA GLY B 52 7.24 22.74 -20.37
C GLY B 52 6.48 21.85 -21.34
N ARG B 53 5.20 21.60 -21.09
CA ARG B 53 4.35 20.89 -22.06
C ARG B 53 3.93 21.80 -23.23
N PRO B 54 3.67 21.23 -24.42
CA PRO B 54 3.72 19.81 -24.81
C PRO B 54 5.16 19.34 -24.98
N THR B 55 5.42 18.07 -24.68
CA THR B 55 6.76 17.55 -24.87
C THR B 55 6.86 17.05 -26.31
N ALA B 56 8.09 16.94 -26.80
CA ALA B 56 8.35 16.55 -28.18
C ALA B 56 8.00 15.09 -28.45
N LEU B 57 7.85 14.77 -29.71
CA LEU B 57 7.72 13.41 -30.16
C LEU B 57 8.79 13.23 -31.21
N THR B 58 9.81 12.48 -30.84
CA THR B 58 11.04 12.42 -31.61
C THR B 58 11.08 11.15 -32.44
N LYS B 59 11.30 11.30 -33.74
CA LYS B 59 11.48 10.13 -34.61
C LYS B 59 12.93 9.67 -34.56
N CYS B 60 13.12 8.39 -34.27
CA CYS B 60 14.44 7.82 -34.18
C CYS B 60 14.79 7.09 -35.46
N GLN B 61 15.50 7.75 -36.35
CA GLN B 61 15.83 7.14 -37.65
C GLN B 61 17.06 6.23 -37.66
N ASN B 62 18.08 6.57 -36.86
CA ASN B 62 19.27 5.73 -36.76
C ASN B 62 19.00 4.33 -36.23
N ILE B 63 18.23 4.22 -35.14
CA ILE B 63 18.12 2.92 -34.52
C ILE B 63 17.23 1.93 -35.25
N THR B 64 16.41 2.44 -36.16
CA THR B 64 15.56 1.57 -36.94
C THR B 64 16.10 1.29 -38.36
N ALA B 65 17.21 1.92 -38.72
CA ALA B 65 17.84 1.74 -40.04
C ALA B 65 17.91 0.28 -40.48
N GLY B 66 17.53 0.03 -41.73
CA GLY B 66 17.55 -1.33 -42.30
C GLY B 66 16.36 -2.19 -41.93
N THR B 67 15.33 -1.60 -41.33
CA THR B 67 14.10 -2.32 -40.95
C THR B 67 12.90 -1.56 -41.44
N ARG B 68 11.72 -2.16 -41.34
CA ARG B 68 10.49 -1.47 -41.74
C ARG B 68 9.74 -0.93 -40.52
N THR B 69 10.46 -0.75 -39.43
CA THR B 69 9.90 -0.15 -38.22
C THR B 69 10.14 1.34 -38.21
N THR B 70 9.09 2.12 -38.01
CA THR B 70 9.26 3.56 -37.72
C THR B 70 8.98 3.77 -36.23
N LEU B 71 9.97 4.31 -35.52
CA LEU B 71 9.87 4.51 -34.09
C LEU B 71 9.89 5.99 -33.67
N TYR B 72 8.89 6.38 -32.89
CA TYR B 72 8.89 7.70 -32.27
C TYR B 72 9.04 7.52 -30.77
N LEU B 73 9.62 8.54 -30.13
CA LEU B 73 9.72 8.55 -28.67
C LEU B 73 9.01 9.76 -28.14
N LYS B 74 8.04 9.53 -27.28
CA LYS B 74 7.38 10.62 -26.55
C LYS B 74 8.30 11.09 -25.45
N ARG B 75 8.73 12.34 -25.53
CA ARG B 75 9.85 12.85 -24.73
C ARG B 75 9.51 13.40 -23.33
N GLU B 76 9.04 12.53 -22.44
CA GLU B 76 8.76 12.95 -21.06
C GLU B 76 10.07 13.16 -20.27
N ASP B 77 11.17 12.71 -20.84
CA ASP B 77 12.50 13.02 -20.32
C ASP B 77 12.80 14.52 -20.40
N LEU B 78 12.09 15.24 -21.25
CA LEU B 78 12.29 16.69 -21.39
C LEU B 78 11.38 17.50 -20.44
N LEU B 79 10.52 16.83 -19.69
CA LEU B 79 9.65 17.52 -18.74
C LEU B 79 10.48 18.05 -17.58
N HIS B 80 10.12 19.23 -17.06
CA HIS B 80 10.78 19.76 -15.86
C HIS B 80 10.83 18.69 -14.76
N GLY B 81 12.02 18.45 -14.22
CA GLY B 81 12.19 17.43 -13.20
C GLY B 81 12.81 16.18 -13.78
N GLY B 82 12.61 15.97 -15.07
CA GLY B 82 13.30 14.89 -15.77
C GLY B 82 12.48 13.65 -16.02
N ALA B 83 11.19 13.71 -15.67
CA ALA B 83 10.30 12.55 -15.86
C ALA B 83 8.84 12.95 -15.89
N HIS B 84 8.02 12.03 -16.38
CA HIS B 84 6.57 12.19 -16.44
C HIS B 84 5.94 12.40 -15.05
N LYS B 85 6.65 12.03 -13.99
CA LYS B 85 6.10 12.15 -12.64
C LYS B 85 5.59 13.55 -12.32
N THR B 86 6.24 14.54 -12.91
CA THR B 86 5.92 15.94 -12.68
C THR B 86 4.47 16.31 -13.04
N ASN B 87 3.94 15.72 -14.10
CA ASN B 87 2.56 15.99 -14.56
C ASN B 87 1.53 15.91 -13.44
N GLN B 88 1.40 14.72 -12.87
CA GLN B 88 0.33 14.42 -11.92
C GLN B 88 0.64 14.98 -10.52
N VAL B 89 1.91 15.22 -10.24
CA VAL B 89 2.31 15.83 -8.99
C VAL B 89 1.84 17.29 -8.93
N LEU B 90 1.89 17.99 -10.06
CA LEU B 90 1.37 19.36 -10.14
C LEU B 90 -0.15 19.38 -9.91
N GLY B 91 -0.84 18.40 -10.49
CA GLY B 91 -2.28 18.27 -10.31
C GLY B 91 -2.64 17.92 -8.88
N GLN B 92 -1.93 16.96 -8.30
CA GLN B 92 -2.24 16.55 -6.93
C GLN B 92 -1.93 17.64 -5.91
N ALA B 93 -0.86 18.41 -6.17
CA ALA B 93 -0.50 19.53 -5.31
C ALA B 93 -1.60 20.59 -5.30
N LEU B 94 -2.18 20.84 -6.47
CA LEU B 94 -3.29 21.78 -6.58
C LEU B 94 -4.54 21.27 -5.86
N LEU B 95 -4.77 19.96 -5.89
CA LEU B 95 -5.82 19.33 -5.09
C LEU B 95 -5.53 19.43 -3.59
N ALA B 96 -4.27 19.25 -3.21
CA ALA B 96 -3.87 19.40 -1.80
C ALA B 96 -4.20 20.80 -1.27
N LYS B 97 -3.87 21.83 -2.06
CA LYS B 97 -4.19 23.22 -1.74
C LYS B 97 -5.71 23.44 -1.65
N ARG B 98 -6.43 22.91 -2.64
CA ARG B 98 -7.90 22.97 -2.68
C ARG B 98 -8.54 22.32 -1.44
N MET B 99 -7.89 21.29 -0.89
CA MET B 99 -8.37 20.65 0.34
C MET B 99 -7.83 21.28 1.62
N GLY B 100 -7.09 22.38 1.47
CA GLY B 100 -6.53 23.13 2.60
C GLY B 100 -5.41 22.42 3.34
N LYS B 101 -4.73 21.49 2.68
CA LYS B 101 -3.61 20.80 3.30
C LYS B 101 -2.35 21.64 3.17
N SER B 102 -1.45 21.51 4.14
CA SER B 102 -0.25 22.34 4.17
C SER B 102 0.99 21.47 3.98
N GLU B 103 0.81 20.17 4.15
CA GLU B 103 1.91 19.21 4.07
C GLU B 103 1.68 18.16 2.98
N ILE B 104 2.78 17.53 2.57
CA ILE B 104 2.77 16.48 1.57
C ILE B 104 3.60 15.31 2.10
N ILE B 105 3.02 14.10 2.07
CA ILE B 105 3.80 12.88 2.28
C ILE B 105 3.94 12.21 0.93
N ALA B 106 5.16 11.78 0.60
CA ALA B 106 5.37 11.00 -0.61
C ALA B 106 6.35 9.86 -0.42
N GLU B 107 6.32 8.90 -1.34
CA GLU B 107 7.32 7.87 -1.38
C GLU B 107 7.99 7.92 -2.74
N THR B 108 9.22 7.45 -2.82
CA THR B 108 9.93 7.47 -4.08
C THR B 108 10.89 6.30 -4.19
N GLY B 109 11.12 5.83 -5.41
CA GLY B 109 12.07 4.75 -5.65
C GLY B 109 13.22 5.22 -6.52
N ALA B 110 12.90 5.61 -7.75
CA ALA B 110 13.88 6.20 -8.66
C ALA B 110 14.25 7.63 -8.24
N GLY B 111 13.46 8.21 -7.34
CA GLY B 111 13.72 9.54 -6.82
C GLY B 111 13.10 10.59 -7.72
N GLN B 112 12.52 10.15 -8.84
CA GLN B 112 11.90 11.08 -9.78
C GLN B 112 10.57 11.61 -9.27
N HIS B 113 9.81 10.76 -8.59
CA HIS B 113 8.56 11.21 -7.96
C HIS B 113 8.88 12.09 -6.77
N GLY B 114 9.95 11.74 -6.04
CA GLY B 114 10.39 12.52 -4.90
C GLY B 114 10.84 13.92 -5.30
N VAL B 115 11.58 14.01 -6.41
CA VAL B 115 12.03 15.28 -6.97
C VAL B 115 10.81 16.10 -7.38
N ALA B 116 9.90 15.43 -8.09
CA ALA B 116 8.63 16.02 -8.49
C ALA B 116 7.80 16.53 -7.31
N SER B 117 7.67 15.72 -6.27
CA SER B 117 6.98 16.15 -5.05
C SER B 117 7.64 17.37 -4.39
N ALA B 118 8.97 17.37 -4.34
CA ALA B 118 9.71 18.45 -3.71
C ALA B 118 9.59 19.75 -4.50
N LEU B 119 9.75 19.67 -5.82
CA LEU B 119 9.65 20.87 -6.66
C LEU B 119 8.25 21.50 -6.65
N ALA B 120 7.21 20.66 -6.69
CA ALA B 120 5.84 21.15 -6.67
C ALA B 120 5.52 21.80 -5.35
N SER B 121 6.03 21.22 -4.28
CA SER B 121 5.81 21.74 -2.93
C SER B 121 6.55 23.07 -2.73
N ALA B 122 7.76 23.16 -3.26
CA ALA B 122 8.52 24.42 -3.24
C ALA B 122 7.77 25.50 -4.00
N LEU B 123 7.21 25.14 -5.15
CA LEU B 123 6.53 26.12 -5.98
C LEU B 123 5.22 26.58 -5.34
N LEU B 124 4.45 25.63 -4.81
CA LEU B 124 3.08 25.90 -4.38
C LEU B 124 2.90 26.11 -2.87
N GLY B 125 4.00 26.12 -2.13
CA GLY B 125 3.98 26.47 -0.71
C GLY B 125 3.53 25.36 0.23
N LEU B 126 4.04 24.15 0.02
CA LEU B 126 3.67 23.01 0.83
C LEU B 126 4.92 22.45 1.50
N LYS B 127 4.76 21.85 2.67
CA LYS B 127 5.88 21.22 3.35
C LYS B 127 5.95 19.74 2.98
N CYS B 128 7.08 19.32 2.42
CA CYS B 128 7.18 18.00 1.80
C CYS B 128 8.12 17.05 2.54
N ARG B 129 7.61 15.82 2.74
CA ARG B 129 8.22 14.76 3.54
C ARG B 129 8.31 13.51 2.64
N ILE B 130 9.50 12.98 2.39
CA ILE B 130 9.67 11.89 1.39
C ILE B 130 10.35 10.60 1.90
N TYR B 131 9.64 9.48 1.75
CA TYR B 131 10.19 8.19 2.09
C TYR B 131 10.88 7.51 0.89
N MET B 132 12.09 7.01 1.11
CA MET B 132 12.87 6.34 0.07
C MET B 132 13.65 5.19 0.69
N GLY B 133 13.60 4.03 0.05
CA GLY B 133 14.37 2.87 0.51
C GLY B 133 15.85 3.15 0.47
N ALA B 134 16.57 2.71 1.51
CA ALA B 134 18.01 2.98 1.65
C ALA B 134 18.88 2.45 0.50
N LYS B 135 18.49 1.32 -0.10
CA LYS B 135 19.16 0.85 -1.32
C LYS B 135 19.00 1.87 -2.45
N ASP B 136 17.80 2.44 -2.56
CA ASP B 136 17.48 3.42 -3.60
C ASP B 136 18.17 4.77 -3.35
N VAL B 137 18.36 5.13 -2.08
CA VAL B 137 19.17 6.28 -1.69
C VAL B 137 20.57 6.16 -2.32
N GLU B 138 21.11 4.94 -2.33
CA GLU B 138 22.44 4.68 -2.90
C GLU B 138 22.43 4.68 -4.43
N ARG B 139 21.62 3.80 -5.02
CA ARG B 139 21.64 3.61 -6.49
C ARG B 139 21.01 4.74 -7.32
N GLN B 140 20.19 5.57 -6.69
CA GLN B 140 19.62 6.76 -7.34
C GLN B 140 19.98 8.03 -6.58
N SER B 141 21.25 8.15 -6.19
CA SER B 141 21.72 9.28 -5.36
C SER B 141 21.58 10.72 -5.92
N PRO B 142 21.78 10.95 -7.25
CA PRO B 142 21.65 12.36 -7.68
C PRO B 142 20.29 12.97 -7.30
N ASN B 143 19.24 12.16 -7.40
CA ASN B 143 17.90 12.57 -7.00
C ASN B 143 17.75 12.86 -5.51
N VAL B 144 18.48 12.14 -4.66
CA VAL B 144 18.42 12.37 -3.21
C VAL B 144 18.78 13.81 -2.85
N PHE B 145 19.84 14.34 -3.46
CA PHE B 145 20.18 15.69 -3.06
C PHE B 145 19.50 16.82 -3.82
N ARG B 146 18.99 16.53 -5.02
CA ARG B 146 18.04 17.41 -5.69
C ARG B 146 16.83 17.70 -4.78
N MET B 147 16.23 16.64 -4.24
CA MET B 147 15.12 16.76 -3.26
C MET B 147 15.46 17.66 -2.07
N ARG B 148 16.60 17.40 -1.46
CA ARG B 148 17.03 18.14 -0.27
C ARG B 148 17.33 19.62 -0.57
N LEU B 149 17.90 19.90 -1.74
CA LEU B 149 18.12 21.30 -2.19
C LEU B 149 16.83 22.11 -2.28
N MET B 150 15.74 21.45 -2.66
CA MET B 150 14.44 22.11 -2.83
C MET B 150 13.59 22.21 -1.57
N GLY B 151 14.18 21.86 -0.42
CA GLY B 151 13.51 22.05 0.87
C GLY B 151 12.74 20.83 1.38
N ALA B 152 12.92 19.67 0.76
CA ALA B 152 12.19 18.48 1.19
C ALA B 152 13.00 17.64 2.19
N GLU B 153 12.29 17.05 3.14
CA GLU B 153 12.90 16.09 4.05
C GLU B 153 12.94 14.70 3.41
N VAL B 154 14.13 14.12 3.29
CA VAL B 154 14.24 12.77 2.71
C VAL B 154 14.53 11.76 3.82
N ILE B 155 13.64 10.78 3.98
CA ILE B 155 13.71 9.78 5.06
C ILE B 155 14.04 8.39 4.52
N PRO B 156 15.30 7.93 4.73
CA PRO B 156 15.76 6.61 4.33
C PRO B 156 15.05 5.47 5.08
N VAL B 157 14.57 4.49 4.33
CA VAL B 157 13.89 3.32 4.92
C VAL B 157 14.77 2.07 4.83
N HIS B 158 15.13 1.52 5.99
CA HIS B 158 16.07 0.40 6.06
C HIS B 158 15.40 -0.97 6.14
N SER B 159 14.14 -0.99 6.56
CA SER B 159 13.39 -2.26 6.72
C SER B 159 13.15 -3.00 5.40
N GLY B 160 12.88 -4.30 5.50
CA GLY B 160 12.57 -5.15 4.36
C GLY B 160 13.62 -5.15 3.28
N SER B 161 13.18 -5.03 2.02
CA SER B 161 14.09 -4.96 0.88
C SER B 161 14.82 -3.60 0.77
N ALA B 162 14.44 -2.66 1.63
CA ALA B 162 14.97 -1.29 1.63
C ALA B 162 14.86 -0.64 0.25
N THR B 163 13.75 -0.92 -0.41
CA THR B 163 13.45 -0.35 -1.71
C THR B 163 12.06 0.24 -1.65
N LEU B 164 11.38 0.27 -2.80
CA LEU B 164 10.12 0.98 -2.99
C LEU B 164 8.96 0.51 -2.11
N LYS B 165 8.72 -0.81 -2.05
CA LYS B 165 7.64 -1.35 -1.22
C LYS B 165 7.75 -0.85 0.22
N ASP B 166 8.97 -0.83 0.73
CA ASP B 166 9.24 -0.46 2.11
C ASP B 166 9.06 1.03 2.33
N ALA B 167 9.44 1.82 1.31
CA ALA B 167 9.14 3.25 1.32
C ALA B 167 7.65 3.51 1.39
N CYS B 168 6.87 2.80 0.55
CA CYS B 168 5.40 2.90 0.53
C CYS B 168 4.76 2.61 1.89
N ASN B 169 5.18 1.49 2.50
CA ASN B 169 4.70 1.09 3.82
C ASN B 169 4.85 2.21 4.84
N GLU B 170 6.05 2.78 4.93
CA GLU B 170 6.31 3.89 5.84
C GLU B 170 5.46 5.13 5.57
N ALA B 171 5.30 5.45 4.28
CA ALA B 171 4.51 6.59 3.88
C ALA B 171 3.05 6.41 4.28
N LEU B 172 2.55 5.20 4.09
CA LEU B 172 1.18 4.84 4.45
C LEU B 172 0.97 4.95 5.97
N ARG B 173 1.91 4.41 6.74
CA ARG B 173 1.83 4.47 8.20
C ARG B 173 1.81 5.92 8.71
N ASP B 174 2.67 6.75 8.12
CA ASP B 174 2.75 8.18 8.41
C ASP B 174 1.41 8.87 8.13
N TRP B 175 0.87 8.64 6.94
CA TRP B 175 -0.40 9.24 6.51
C TRP B 175 -1.58 8.87 7.41
N SER B 176 -1.59 7.64 7.92
CA SER B 176 -2.70 7.21 8.77
C SER B 176 -2.72 7.96 10.10
N GLY B 177 -1.59 8.57 10.46
CA GLY B 177 -1.50 9.43 11.61
C GLY B 177 -1.48 10.93 11.35
N SER B 178 -1.40 11.36 10.09
CA SER B 178 -1.28 12.80 9.82
C SER B 178 -2.12 13.31 8.67
N TYR B 179 -3.15 12.53 8.30
CA TYR B 179 -4.02 12.82 7.15
C TYR B 179 -4.77 14.15 7.28
N GLU B 180 -4.89 14.65 8.50
CA GLU B 180 -5.61 15.89 8.75
C GLU B 180 -4.87 17.10 8.18
N THR B 181 -3.55 17.07 8.24
CA THR B 181 -2.77 18.19 7.71
C THR B 181 -1.98 17.85 6.44
N ALA B 182 -1.79 16.55 6.18
CA ALA B 182 -0.93 16.11 5.08
C ALA B 182 -1.72 15.40 4.02
N HIS B 183 -1.48 15.78 2.77
CA HIS B 183 -1.97 15.03 1.62
C HIS B 183 -0.94 13.98 1.23
N TYR B 184 -1.41 12.76 1.03
CA TYR B 184 -0.53 11.69 0.58
C TYR B 184 -0.47 11.73 -0.94
N MET B 185 0.67 12.16 -1.44
CA MET B 185 0.87 12.24 -2.88
C MET B 185 1.44 10.93 -3.37
N LEU B 186 0.54 9.98 -3.58
CA LEU B 186 0.90 8.68 -4.10
C LEU B 186 1.46 8.87 -5.51
N GLY B 187 2.53 8.16 -5.80
CA GLY B 187 3.31 8.42 -7.00
C GLY B 187 3.04 7.60 -8.24
N THR B 188 2.01 6.76 -8.19
CA THR B 188 1.69 5.92 -9.34
C THR B 188 0.19 5.63 -9.45
N ALA B 189 -0.23 5.03 -10.55
CA ALA B 189 -1.64 4.67 -10.78
C ALA B 189 -2.02 3.37 -10.08
N ALA B 190 -1.76 3.31 -8.78
CA ALA B 190 -2.05 2.12 -7.98
C ALA B 190 -2.51 2.61 -6.61
N GLY B 191 -2.72 1.69 -5.68
CA GLY B 191 -3.19 2.06 -4.37
C GLY B 191 -4.70 2.10 -4.33
N PRO B 192 -5.26 2.60 -3.21
CA PRO B 192 -6.69 2.70 -3.06
C PRO B 192 -7.33 3.74 -3.98
N HIS B 193 -8.53 3.45 -4.43
CA HIS B 193 -9.37 4.45 -5.07
C HIS B 193 -9.43 5.64 -4.11
N PRO B 194 -9.36 6.87 -4.64
CA PRO B 194 -9.39 7.30 -6.05
C PRO B 194 -8.05 7.42 -6.77
N TYR B 195 -6.97 6.96 -6.16
CA TYR B 195 -5.65 7.21 -6.75
C TYR B 195 -5.39 6.67 -8.16
N PRO B 196 -5.71 5.39 -8.44
CA PRO B 196 -5.56 4.92 -9.82
C PRO B 196 -6.30 5.77 -10.87
N THR B 197 -7.47 6.28 -10.51
CA THR B 197 -8.26 7.14 -11.41
C THR B 197 -7.68 8.56 -11.57
N ILE B 198 -7.39 9.21 -10.45
CA ILE B 198 -6.78 10.55 -10.42
C ILE B 198 -5.44 10.57 -11.17
N VAL B 199 -4.55 9.63 -10.84
CA VAL B 199 -3.21 9.59 -11.49
C VAL B 199 -3.30 9.42 -13.02
N ARG B 200 -4.22 8.57 -13.49
CA ARG B 200 -4.51 8.47 -14.93
C ARG B 200 -4.99 9.78 -15.57
N GLU B 201 -5.99 10.41 -14.95
CA GLU B 201 -6.54 11.65 -15.49
C GLU B 201 -5.50 12.77 -15.52
N PHE B 202 -4.60 12.78 -14.54
CA PHE B 202 -3.53 13.78 -14.50
C PHE B 202 -2.26 13.37 -15.29
N GLN B 203 -2.26 12.17 -15.89
CA GLN B 203 -1.17 11.77 -16.76
C GLN B 203 -1.64 11.63 -18.20
N ARG B 204 -2.94 11.78 -18.37
CA ARG B 204 -3.63 11.51 -19.65
C ARG B 204 -3.15 12.37 -20.84
N MET B 205 -2.61 13.55 -20.56
CA MET B 205 -2.05 14.41 -21.60
C MET B 205 -0.92 13.76 -22.40
N ILE B 206 -0.24 12.77 -21.82
CA ILE B 206 0.79 12.05 -22.55
C ILE B 206 0.22 11.43 -23.83
N GLY B 207 -0.84 10.66 -23.69
CA GLY B 207 -1.45 9.98 -24.82
C GLY B 207 -2.20 10.94 -25.73
N GLU B 208 -2.85 11.95 -25.15
CA GLU B 208 -3.57 12.95 -25.95
C GLU B 208 -2.62 13.69 -26.89
N GLU B 209 -1.48 14.14 -26.36
CA GLU B 209 -0.48 14.84 -27.17
C GLU B 209 0.09 13.90 -28.23
N THR B 210 0.50 12.71 -27.81
CA THR B 210 1.00 11.69 -28.74
C THR B 210 0.05 11.48 -29.91
N LYS B 211 -1.24 11.34 -29.62
CA LYS B 211 -2.24 11.13 -30.68
C LYS B 211 -2.24 12.30 -31.67
N ALA B 212 -2.31 13.52 -31.17
CA ALA B 212 -2.28 14.72 -32.02
C ALA B 212 -0.99 14.82 -32.83
N GLN B 213 0.14 14.57 -32.18
CA GLN B 213 1.44 14.66 -32.82
C GLN B 213 1.69 13.59 -33.89
N ILE B 214 1.27 12.35 -33.62
CA ILE B 214 1.45 11.27 -34.59
C ILE B 214 0.54 11.45 -35.82
N LEU B 215 -0.70 11.90 -35.60
CA LEU B 215 -1.62 12.22 -36.69
C LEU B 215 -1.06 13.32 -37.58
N ASP B 216 -0.47 14.33 -36.94
CA ASP B 216 0.18 15.41 -37.67
C ASP B 216 1.41 14.94 -38.48
N LYS B 217 2.22 14.06 -37.91
CA LYS B 217 3.46 13.66 -38.58
C LYS B 217 3.29 12.47 -39.53
N GLU B 218 2.30 11.63 -39.26
CA GLU B 218 2.16 10.37 -40.00
C GLU B 218 0.81 10.22 -40.70
N GLY B 219 -0.16 11.03 -40.29
CA GLY B 219 -1.51 10.96 -40.85
C GLY B 219 -2.31 9.76 -40.40
N ARG B 220 -1.84 9.05 -39.38
CA ARG B 220 -2.57 7.92 -38.83
C ARG B 220 -2.08 7.60 -37.42
N LEU B 221 -2.79 6.69 -36.76
CA LEU B 221 -2.48 6.28 -35.39
C LEU B 221 -1.36 5.24 -35.40
N PRO B 222 -0.69 5.04 -34.24
CA PRO B 222 0.39 4.05 -34.21
C PRO B 222 -0.15 2.63 -34.23
N ASP B 223 0.69 1.69 -34.67
CA ASP B 223 0.36 0.27 -34.58
C ASP B 223 0.38 -0.21 -33.14
N ALA B 224 1.33 0.32 -32.36
CA ALA B 224 1.41 0.06 -30.91
C ALA B 224 2.10 1.18 -30.14
N VAL B 225 1.62 1.42 -28.92
CA VAL B 225 2.31 2.28 -27.98
C VAL B 225 2.83 1.43 -26.84
N ILE B 226 4.03 1.77 -26.41
CA ILE B 226 4.81 0.88 -25.57
C ILE B 226 5.37 1.66 -24.39
N ALA B 227 5.13 1.15 -23.17
CA ALA B 227 5.51 1.86 -21.97
C ALA B 227 5.93 0.86 -20.88
N CYS B 228 6.91 1.25 -20.07
CA CYS B 228 7.28 0.45 -18.92
C CYS B 228 6.23 0.56 -17.81
N VAL B 229 6.17 -0.45 -16.96
CA VAL B 229 5.11 -0.50 -15.96
C VAL B 229 5.76 -0.78 -14.61
N GLY B 230 5.86 0.27 -13.79
CA GLY B 230 6.22 0.18 -12.38
C GLY B 230 4.97 -0.03 -11.53
N GLY B 231 4.24 1.04 -11.27
CA GLY B 231 2.88 0.91 -10.72
C GLY B 231 1.85 1.16 -11.80
N GLY B 232 2.28 1.78 -12.89
CA GLY B 232 1.41 1.96 -14.04
C GLY B 232 1.07 3.36 -14.51
N SER B 233 1.69 4.40 -13.93
CA SER B 233 1.24 5.76 -14.26
C SER B 233 1.64 6.26 -15.65
N ASN B 234 2.91 6.11 -16.04
CA ASN B 234 3.32 6.57 -17.40
C ASN B 234 2.63 5.77 -18.51
N ALA B 235 2.47 4.47 -18.26
CA ALA B 235 1.79 3.58 -19.21
C ALA B 235 0.31 3.94 -19.33
N ILE B 236 -0.37 4.11 -18.22
CA ILE B 236 -1.79 4.48 -18.33
C ILE B 236 -1.97 5.89 -18.89
N GLY B 237 -1.04 6.79 -18.57
CA GLY B 237 -1.04 8.13 -19.17
C GLY B 237 -0.92 8.10 -20.68
N MET B 238 -0.04 7.24 -21.17
CA MET B 238 0.08 6.98 -22.61
C MET B 238 -1.15 6.23 -23.20
N PHE B 239 -1.59 5.17 -22.52
CA PHE B 239 -2.64 4.26 -23.03
C PHE B 239 -4.02 4.91 -23.11
N ALA B 240 -4.34 5.74 -22.11
CA ALA B 240 -5.72 6.17 -21.84
C ALA B 240 -6.48 6.68 -23.07
N ASP B 241 -5.89 7.63 -23.77
CA ASP B 241 -6.54 8.22 -24.92
C ASP B 241 -6.66 7.29 -26.14
N PHE B 242 -5.95 6.16 -26.12
CA PHE B 242 -6.00 5.19 -27.21
C PHE B 242 -6.89 3.98 -26.93
N ILE B 243 -7.36 3.83 -25.69
CA ILE B 243 -8.16 2.66 -25.29
C ILE B 243 -9.33 2.39 -26.25
N ASN B 244 -10.01 3.45 -26.69
CA ASN B 244 -11.12 3.26 -27.62
C ASN B 244 -10.71 3.18 -29.10
N ASP B 245 -9.42 3.35 -29.38
CA ASP B 245 -8.92 3.14 -30.74
C ASP B 245 -8.40 1.72 -30.84
N THR B 246 -9.30 0.80 -31.15
CA THR B 246 -9.02 -0.64 -31.05
C THR B 246 -7.88 -1.14 -31.93
N SER B 247 -7.56 -0.44 -33.01
CA SER B 247 -6.44 -0.80 -33.87
C SER B 247 -5.06 -0.56 -33.25
N VAL B 248 -5.02 0.19 -32.14
CA VAL B 248 -3.76 0.57 -31.51
C VAL B 248 -3.44 -0.39 -30.38
N GLY B 249 -2.36 -1.15 -30.55
CA GLY B 249 -1.88 -2.05 -29.51
C GLY B 249 -1.36 -1.26 -28.32
N LEU B 250 -1.55 -1.82 -27.13
CA LEU B 250 -1.08 -1.22 -25.89
C LEU B 250 -0.17 -2.24 -25.22
N ILE B 251 1.12 -1.93 -25.17
CA ILE B 251 2.10 -2.88 -24.59
C ILE B 251 2.74 -2.30 -23.35
N GLY B 252 2.60 -3.02 -22.24
CA GLY B 252 3.13 -2.58 -21.01
C GLY B 252 4.28 -3.50 -20.76
N VAL B 253 5.38 -2.95 -20.25
CA VAL B 253 6.60 -3.73 -20.02
C VAL B 253 7.04 -3.77 -18.55
N GLU B 254 6.97 -4.97 -17.94
CA GLU B 254 7.34 -5.15 -16.54
C GLU B 254 8.79 -5.53 -16.55
N PRO B 255 9.51 -5.25 -15.45
CA PRO B 255 10.91 -5.66 -15.32
C PRO B 255 11.07 -7.16 -15.06
N GLY B 256 11.96 -7.79 -15.83
CA GLY B 256 12.21 -9.21 -15.75
C GLY B 256 13.39 -9.46 -14.82
N GLY B 257 14.02 -8.38 -14.36
CA GLY B 257 15.14 -8.48 -13.39
C GLY B 257 16.27 -9.36 -13.87
N HIS B 258 16.63 -10.36 -13.07
CA HIS B 258 17.66 -11.31 -13.47
C HIS B 258 17.11 -12.41 -14.38
N GLY B 259 15.80 -12.41 -14.59
CA GLY B 259 15.14 -13.41 -15.42
C GLY B 259 13.93 -13.90 -14.65
N ILE B 260 12.81 -14.11 -15.33
CA ILE B 260 11.59 -14.52 -14.62
C ILE B 260 11.79 -15.82 -13.81
N GLU B 261 12.58 -16.72 -14.38
CA GLU B 261 12.80 -18.04 -13.80
C GLU B 261 13.66 -18.01 -12.53
N THR B 262 14.39 -16.92 -12.31
CA THR B 262 15.17 -16.75 -11.08
C THR B 262 14.29 -16.28 -9.91
N GLY B 263 13.09 -15.82 -10.19
CA GLY B 263 12.25 -15.25 -9.13
C GLY B 263 12.70 -13.86 -8.71
N GLU B 264 13.75 -13.35 -9.34
CA GLU B 264 14.26 -12.02 -9.03
C GLU B 264 13.82 -11.07 -10.12
N HIS B 265 12.61 -10.57 -9.96
CA HIS B 265 11.96 -9.80 -11.01
C HIS B 265 10.88 -8.89 -10.43
N GLY B 266 10.24 -8.09 -11.27
CA GLY B 266 9.16 -7.27 -10.78
C GLY B 266 7.96 -7.33 -11.70
N ALA B 267 7.54 -8.53 -12.06
CA ALA B 267 6.48 -8.74 -13.02
C ALA B 267 5.27 -9.51 -12.48
N PRO B 268 4.56 -8.93 -11.48
CA PRO B 268 3.40 -9.59 -10.88
C PRO B 268 2.18 -9.68 -11.79
N LEU B 269 2.05 -8.79 -12.76
CA LEU B 269 0.91 -8.84 -13.66
C LEU B 269 0.90 -10.16 -14.46
N LYS B 270 2.07 -10.54 -14.98
CA LYS B 270 2.15 -11.74 -15.78
C LYS B 270 2.65 -12.95 -14.99
N HIS B 271 3.31 -12.71 -13.85
CA HIS B 271 3.95 -13.80 -13.13
C HIS B 271 3.64 -13.85 -11.63
N GLY B 272 2.71 -13.01 -11.20
CA GLY B 272 2.26 -13.04 -9.82
C GLY B 272 0.86 -13.61 -9.74
N ARG B 273 0.13 -13.20 -8.72
CA ARG B 273 -1.18 -13.76 -8.42
C ARG B 273 -1.99 -12.70 -7.70
N VAL B 274 -3.29 -12.56 -8.00
CA VAL B 274 -4.14 -11.58 -7.34
C VAL B 274 -4.04 -11.69 -5.82
N GLY B 275 -3.91 -10.54 -5.16
CA GLY B 275 -3.85 -10.48 -3.71
C GLY B 275 -4.45 -9.16 -3.29
N ILE B 276 -4.45 -8.90 -1.99
CA ILE B 276 -4.86 -7.63 -1.43
C ILE B 276 -3.72 -7.01 -0.61
N TYR B 277 -3.18 -5.90 -1.12
CA TYR B 277 -2.18 -5.12 -0.42
C TYR B 277 -2.02 -3.76 -1.09
N PHE B 278 -1.39 -2.81 -0.40
CA PHE B 278 -1.18 -1.43 -0.87
C PHE B 278 -2.53 -0.75 -1.07
N GLY B 279 -3.54 -1.20 -0.33
CA GLY B 279 -4.89 -0.63 -0.44
C GLY B 279 -5.73 -1.07 -1.63
N MET B 280 -5.29 -2.10 -2.35
CA MET B 280 -5.96 -2.52 -3.57
C MET B 280 -5.97 -4.05 -3.76
N LYS B 281 -6.94 -4.54 -4.52
CA LYS B 281 -6.93 -5.91 -5.01
C LYS B 281 -6.26 -5.92 -6.39
N ALA B 282 -5.09 -6.54 -6.47
CA ALA B 282 -4.27 -6.42 -7.67
C ALA B 282 -3.30 -7.59 -7.73
N PRO B 283 -2.75 -7.88 -8.93
CA PRO B 283 -1.74 -8.91 -9.03
C PRO B 283 -0.54 -8.54 -8.16
N MET B 284 -0.08 -9.50 -7.35
CA MET B 284 1.16 -9.33 -6.63
C MET B 284 2.04 -10.53 -6.63
N MET B 285 3.31 -10.26 -6.35
CA MET B 285 4.27 -11.28 -6.08
C MET B 285 4.09 -11.67 -4.63
N GLN B 286 3.74 -12.92 -4.39
CA GLN B 286 3.43 -13.38 -3.06
C GLN B 286 3.80 -14.86 -2.91
N THR B 287 4.13 -15.25 -1.68
CA THR B 287 4.37 -16.64 -1.36
C THR B 287 3.08 -17.46 -1.44
N ALA B 288 3.23 -18.79 -1.45
CA ALA B 288 2.09 -19.70 -1.40
C ALA B 288 1.15 -19.39 -0.24
N ASP B 289 1.75 -18.89 0.85
CA ASP B 289 1.07 -18.58 2.10
C ASP B 289 0.37 -17.21 2.09
N GLY B 290 0.63 -16.42 1.06
CA GLY B 290 0.08 -15.06 1.00
C GLY B 290 0.89 -13.97 1.68
N GLN B 291 2.19 -14.21 1.90
CA GLN B 291 3.06 -13.12 2.31
C GLN B 291 3.51 -12.38 1.06
N ILE B 292 3.72 -11.07 1.16
CA ILE B 292 4.17 -10.29 0.00
C ILE B 292 5.66 -10.52 -0.23
N GLU B 293 6.02 -10.88 -1.47
CA GLU B 293 7.41 -11.11 -1.83
C GLU B 293 8.15 -9.81 -2.05
N GLU B 294 9.47 -9.88 -2.00
CA GLU B 294 10.30 -8.75 -2.40
C GLU B 294 10.53 -8.83 -3.91
N SER B 295 10.35 -7.71 -4.61
CA SER B 295 10.65 -7.69 -6.02
C SER B 295 12.13 -7.39 -6.27
N TYR B 296 12.55 -7.48 -7.53
CA TYR B 296 13.88 -7.02 -7.94
C TYR B 296 13.87 -6.44 -9.35
N SER B 297 14.52 -5.29 -9.52
CA SER B 297 14.88 -4.77 -10.85
C SER B 297 16.20 -4.00 -10.72
N ILE B 298 16.99 -3.97 -11.78
CA ILE B 298 18.09 -3.02 -11.88
C ILE B 298 17.60 -1.58 -11.71
N SER B 299 16.36 -1.31 -12.11
CA SER B 299 15.80 0.02 -11.98
C SER B 299 14.92 0.14 -10.75
N ALA B 300 15.23 1.15 -9.94
CA ALA B 300 14.54 1.38 -8.68
C ALA B 300 13.07 1.70 -8.92
N GLY B 301 12.78 2.33 -10.06
CA GLY B 301 11.43 2.76 -10.38
C GLY B 301 10.44 1.67 -10.77
N LEU B 302 10.95 0.52 -11.19
CA LEU B 302 10.11 -0.62 -11.56
C LEU B 302 10.17 -1.70 -10.45
N ASP B 303 11.00 -1.48 -9.46
CA ASP B 303 11.25 -2.47 -8.38
C ASP B 303 10.12 -2.45 -7.33
N PHE B 304 8.97 -3.03 -7.69
CA PHE B 304 7.75 -2.98 -6.87
C PHE B 304 6.91 -4.23 -7.17
N PRO B 305 6.52 -4.98 -6.12
CA PRO B 305 5.93 -6.31 -6.30
C PRO B 305 4.44 -6.32 -6.62
N SER B 306 3.91 -5.19 -7.07
CA SER B 306 2.53 -5.11 -7.51
C SER B 306 2.38 -4.21 -8.75
N VAL B 307 1.15 -3.87 -9.10
CA VAL B 307 0.87 -3.15 -10.34
C VAL B 307 -0.52 -2.55 -10.16
N GLY B 308 -0.81 -1.45 -10.86
CA GLY B 308 -2.10 -0.79 -10.73
C GLY B 308 -3.25 -1.59 -11.34
N PRO B 309 -4.45 -1.46 -10.75
CA PRO B 309 -5.61 -2.29 -11.04
C PRO B 309 -6.11 -2.16 -12.47
N GLN B 310 -5.97 -0.98 -13.07
CA GLN B 310 -6.44 -0.78 -14.44
C GLN B 310 -5.67 -1.58 -15.50
N HIS B 311 -4.36 -1.75 -15.27
CA HIS B 311 -3.55 -2.58 -16.14
C HIS B 311 -3.91 -4.05 -15.99
N ALA B 312 -4.13 -4.47 -14.73
CA ALA B 312 -4.62 -5.82 -14.46
C ALA B 312 -5.91 -6.12 -15.20
N TYR B 313 -6.81 -5.14 -15.26
CA TYR B 313 -8.07 -5.25 -15.99
C TYR B 313 -7.93 -5.24 -17.50
N LEU B 314 -7.15 -4.29 -18.04
CA LEU B 314 -6.92 -4.19 -19.48
C LEU B 314 -6.27 -5.46 -20.00
N ASN B 315 -5.41 -6.06 -19.19
CA ASN B 315 -4.84 -7.35 -19.56
C ASN B 315 -5.89 -8.45 -19.62
N SER B 316 -6.71 -8.54 -18.57
CA SER B 316 -7.66 -9.65 -18.45
C SER B 316 -8.64 -9.69 -19.61
N ILE B 317 -9.01 -8.53 -20.13
CA ILE B 317 -9.98 -8.47 -21.23
C ILE B 317 -9.29 -8.53 -22.60
N GLY B 318 -7.96 -8.54 -22.59
CA GLY B 318 -7.22 -8.64 -23.84
C GLY B 318 -6.98 -7.32 -24.55
N ARG B 319 -7.31 -6.20 -23.91
CA ARG B 319 -7.17 -4.90 -24.60
C ARG B 319 -5.71 -4.48 -24.68
N ALA B 320 -4.98 -4.68 -23.58
CA ALA B 320 -3.55 -4.39 -23.52
C ALA B 320 -2.77 -5.68 -23.31
N ASP B 321 -1.56 -5.72 -23.84
CA ASP B 321 -0.66 -6.85 -23.64
C ASP B 321 0.54 -6.46 -22.81
N TYR B 322 0.97 -7.37 -21.95
CA TYR B 322 2.10 -7.10 -21.08
C TYR B 322 3.19 -8.13 -21.28
N VAL B 323 4.42 -7.66 -21.27
CA VAL B 323 5.61 -8.47 -21.51
C VAL B 323 6.67 -8.12 -20.48
N SER B 324 7.79 -8.83 -20.47
CA SER B 324 8.89 -8.44 -19.61
C SER B 324 10.20 -8.25 -20.38
N ILE B 325 11.10 -7.50 -19.75
CA ILE B 325 12.43 -7.18 -20.28
C ILE B 325 13.40 -7.31 -19.14
N THR B 326 14.50 -8.01 -19.38
CA THR B 326 15.45 -8.25 -18.30
C THR B 326 16.39 -7.06 -18.05
N ASP B 327 17.12 -7.09 -16.93
CA ASP B 327 18.16 -6.09 -16.67
C ASP B 327 19.10 -5.91 -17.84
N ASP B 328 19.52 -7.02 -18.45
CA ASP B 328 20.56 -6.97 -19.46
C ASP B 328 20.03 -6.40 -20.75
N GLU B 329 18.76 -6.69 -21.04
CA GLU B 329 18.07 -6.16 -22.22
C GLU B 329 17.79 -4.65 -22.10
N ALA B 330 17.43 -4.21 -20.89
CA ALA B 330 17.27 -2.79 -20.61
C ALA B 330 18.59 -2.00 -20.72
N LEU B 331 19.69 -2.59 -20.21
CA LEU B 331 21.03 -2.00 -20.36
C LEU B 331 21.47 -1.82 -21.82
N GLU B 332 21.16 -2.81 -22.67
CA GLU B 332 21.58 -2.76 -24.07
C GLU B 332 20.81 -1.64 -24.75
N ALA B 333 19.53 -1.53 -24.42
CA ALA B 333 18.69 -0.48 -24.98
C ALA B 333 19.17 0.91 -24.53
N PHE B 334 19.58 1.02 -23.26
CA PHE B 334 20.13 2.25 -22.70
C PHE B 334 21.33 2.68 -23.53
N LYS B 335 22.29 1.77 -23.68
CA LYS B 335 23.51 2.03 -24.45
C LYS B 335 23.23 2.41 -25.89
N THR B 336 22.28 1.69 -26.49
CA THR B 336 21.86 1.91 -27.87
C THR B 336 21.29 3.31 -28.09
N LEU B 337 20.37 3.75 -27.22
CA LEU B 337 19.82 5.10 -27.35
C LEU B 337 20.90 6.17 -27.14
N CYS B 338 21.78 5.98 -26.16
CA CYS B 338 22.84 6.95 -25.91
C CYS B 338 23.71 7.16 -27.15
N ARG B 339 24.10 6.05 -27.78
CA ARG B 339 25.15 6.08 -28.78
C ARG B 339 24.63 6.42 -30.17
N HIS B 340 23.37 6.11 -30.44
CA HIS B 340 22.84 6.28 -31.78
C HIS B 340 21.78 7.36 -31.93
N GLU B 341 21.23 7.83 -30.81
CA GLU B 341 20.28 8.94 -30.87
C GLU B 341 20.73 10.10 -29.98
N GLY B 342 21.78 9.90 -29.20
CA GLY B 342 22.20 10.96 -28.29
C GLY B 342 21.15 11.36 -27.25
N ILE B 343 20.38 10.38 -26.79
CA ILE B 343 19.45 10.61 -25.67
C ILE B 343 19.83 9.60 -24.60
N ILE B 344 19.95 10.05 -23.35
CA ILE B 344 20.23 9.15 -22.25
C ILE B 344 18.93 8.90 -21.49
N PRO B 345 18.33 7.72 -21.69
CA PRO B 345 17.02 7.41 -21.10
C PRO B 345 17.15 6.88 -19.68
N ALA B 346 16.13 7.05 -18.85
CA ALA B 346 16.09 6.39 -17.54
C ALA B 346 16.16 4.88 -17.74
N LEU B 347 16.69 4.14 -16.77
CA LEU B 347 16.66 2.70 -16.91
C LEU B 347 15.25 2.09 -16.94
N GLU B 348 14.27 2.77 -16.32
CA GLU B 348 12.86 2.38 -16.40
C GLU B 348 12.39 2.43 -17.85
N SER B 349 12.52 3.61 -18.46
CA SER B 349 12.14 3.82 -19.85
C SER B 349 12.89 2.88 -20.81
N SER B 350 14.13 2.56 -20.47
CA SER B 350 14.94 1.62 -21.26
C SER B 350 14.31 0.22 -21.41
N HIS B 351 13.41 -0.15 -20.51
CA HIS B 351 12.70 -1.44 -20.62
C HIS B 351 11.72 -1.38 -21.77
N ALA B 352 11.04 -0.24 -21.83
CA ALA B 352 10.10 0.02 -22.92
C ALA B 352 10.82 0.06 -24.27
N LEU B 353 11.83 0.91 -24.38
CA LEU B 353 12.69 0.89 -25.56
C LEU B 353 13.19 -0.51 -25.94
N ALA B 354 13.68 -1.28 -24.96
CA ALA B 354 14.20 -2.63 -25.23
C ALA B 354 13.15 -3.50 -25.90
N HIS B 355 11.92 -3.43 -25.41
CA HIS B 355 10.92 -4.25 -26.03
C HIS B 355 10.58 -3.81 -27.46
N ALA B 356 10.52 -2.50 -27.69
CA ALA B 356 10.35 -1.95 -29.04
C ALA B 356 11.44 -2.43 -29.98
N LEU B 357 12.68 -2.41 -29.51
CA LEU B 357 13.81 -2.88 -30.31
C LEU B 357 13.73 -4.38 -30.59
N LYS B 358 13.14 -5.13 -29.68
CA LYS B 358 12.86 -6.54 -29.90
C LYS B 358 11.79 -6.76 -30.99
N MET B 359 10.72 -5.97 -30.95
CA MET B 359 9.64 -6.05 -31.95
C MET B 359 10.18 -5.79 -33.35
N MET B 360 11.09 -4.83 -33.43
CA MET B 360 11.77 -4.49 -34.66
C MET B 360 12.70 -5.59 -35.12
N ARG B 361 13.60 -6.03 -34.24
CA ARG B 361 14.68 -6.93 -34.66
C ARG B 361 14.20 -8.34 -34.95
N GLU B 362 13.18 -8.78 -34.21
CA GLU B 362 12.65 -10.14 -34.37
C GLU B 362 11.97 -10.30 -35.73
N GLN B 363 11.42 -9.20 -36.24
CA GLN B 363 10.65 -9.18 -37.49
C GLN B 363 10.99 -7.94 -38.32
N PRO B 364 12.23 -7.90 -38.86
CA PRO B 364 12.78 -6.66 -39.42
C PRO B 364 12.10 -6.17 -40.69
N GLU B 365 11.32 -7.02 -41.35
CA GLU B 365 10.57 -6.65 -42.54
C GLU B 365 9.08 -6.46 -42.27
N LYS B 366 8.71 -6.48 -40.99
CA LYS B 366 7.33 -6.16 -40.64
C LYS B 366 7.19 -4.64 -40.60
N GLU B 367 6.24 -4.11 -41.35
CA GLU B 367 6.02 -2.68 -41.32
C GLU B 367 5.23 -2.31 -40.07
N GLN B 368 5.87 -1.58 -39.17
CA GLN B 368 5.20 -1.14 -37.95
C GLN B 368 5.57 0.29 -37.55
N LEU B 369 4.57 1.03 -37.10
CA LEU B 369 4.76 2.38 -36.57
C LEU B 369 4.53 2.32 -35.05
N LEU B 370 5.62 2.45 -34.30
CA LEU B 370 5.60 2.29 -32.85
C LEU B 370 5.91 3.61 -32.15
N VAL B 371 5.27 3.85 -31.00
CA VAL B 371 5.65 4.94 -30.12
C VAL B 371 6.09 4.32 -28.80
N VAL B 372 7.28 4.69 -28.35
CA VAL B 372 7.72 4.38 -27.00
C VAL B 372 7.57 5.59 -26.10
N ASN B 373 6.94 5.41 -24.94
CA ASN B 373 6.95 6.45 -23.93
C ASN B 373 8.31 6.56 -23.26
N LEU B 374 9.06 7.60 -23.60
CA LEU B 374 10.33 7.76 -22.90
C LEU B 374 10.06 8.53 -21.62
N SER B 375 9.66 7.80 -20.58
CA SER B 375 9.13 8.38 -19.37
C SER B 375 10.12 9.27 -18.58
N GLY B 376 11.42 9.05 -18.75
CA GLY B 376 12.38 9.92 -18.07
C GLY B 376 13.76 9.90 -18.67
N ARG B 377 14.63 10.79 -18.16
CA ARG B 377 16.02 10.84 -18.57
C ARG B 377 16.87 10.07 -17.57
N GLY B 378 18.05 9.67 -18.03
CA GLY B 378 18.88 8.72 -17.29
C GLY B 378 20.02 9.31 -16.51
N ASP B 379 20.04 10.63 -16.37
CA ASP B 379 21.05 11.29 -15.52
C ASP B 379 21.18 10.63 -14.14
N LYS B 380 20.04 10.27 -13.53
CA LYS B 380 20.05 9.60 -12.20
C LYS B 380 20.71 8.21 -12.22
N ASP B 381 20.88 7.64 -13.42
CA ASP B 381 21.33 6.25 -13.57
C ASP B 381 22.77 6.11 -14.00
N ILE B 382 23.46 7.22 -14.24
CA ILE B 382 24.77 7.16 -14.91
C ILE B 382 25.86 6.48 -14.06
N PHE B 383 25.82 6.69 -12.75
CA PHE B 383 26.82 6.06 -11.86
C PHE B 383 26.59 4.55 -11.75
N THR B 384 25.33 4.17 -11.57
CA THR B 384 24.91 2.77 -11.59
C THR B 384 25.34 2.04 -12.86
N VAL B 385 25.05 2.63 -14.00
CA VAL B 385 25.38 2.05 -15.30
C VAL B 385 26.90 1.97 -15.52
N HIS B 386 27.60 3.02 -15.10
CA HIS B 386 29.07 3.03 -15.10
C HIS B 386 29.63 1.84 -14.32
N ASP B 387 29.15 1.64 -13.10
CA ASP B 387 29.66 0.58 -12.23
C ASP B 387 29.44 -0.84 -12.76
N ILE B 388 28.36 -1.03 -13.51
CA ILE B 388 28.07 -2.34 -14.12
C ILE B 388 29.01 -2.59 -15.30
N LEU B 389 29.29 -1.55 -16.09
CA LEU B 389 30.31 -1.66 -17.13
C LEU B 389 31.69 -1.80 -16.46
N LYS B 390 32.17 -3.06 -16.43
CA LYS B 390 33.24 -3.57 -15.54
C LYS B 390 32.64 -4.23 -14.28
N ALA B 391 32.36 -5.53 -14.31
CA ALA B 391 32.74 -6.49 -15.38
C ALA B 391 32.40 -6.09 -16.82
#